data_4DS7
#
_entry.id   4DS7
#
_cell.length_a   114.670
_cell.length_b   145.444
_cell.length_c   49.837
_cell.angle_alpha   90.000
_cell.angle_beta   90.000
_cell.angle_gamma   90.000
#
_symmetry.space_group_name_H-M   'P 21 21 2'
#
loop_
_entity.id
_entity.type
_entity.pdbx_description
1 polymer Calmodulin
2 polymer 'Spindle pole body component 110'
3 non-polymer 'STRONTIUM ION'
4 non-polymer GLYCEROL
5 non-polymer 'SULFATE ION'
6 water water
#
loop_
_entity_poly.entity_id
_entity_poly.type
_entity_poly.pdbx_seq_one_letter_code
_entity_poly.pdbx_strand_id
1 'polypeptide(L)'
;MSQNLTEEQIAEFKEAFALFDKDNSGSISASELATVMRSLGLSPSEAEVADLMNEIDVDGNHAIEFSEFLALMSRQLKCN
DSEQELLEAFKVFDKNGDGLISAAELKHVLTSIGEKLTDAEVDEMLREVSDGSGEINIKQFAALLSK
;
A,B,C,D
2 'polypeptide(L)' GRGPYFERRLSFKTVALLVLACVRMKRIAFYRRSDDNRLRILRDRIESSSGRISW E,F,G,H
#
# COMPACT_ATOMS: atom_id res chain seq x y z
N ASN A 4 33.13 24.36 1.20
CA ASN A 4 31.89 23.60 1.52
C ASN A 4 32.01 22.10 1.23
N LEU A 5 32.74 21.79 0.17
CA LEU A 5 32.81 20.41 -0.34
C LEU A 5 34.22 19.85 -0.25
N THR A 6 34.32 18.60 0.20
CA THR A 6 35.61 17.91 0.29
C THR A 6 36.11 17.45 -1.09
N GLU A 7 37.39 17.11 -1.15
CA GLU A 7 38.01 16.55 -2.34
C GLU A 7 37.27 15.29 -2.81
N GLU A 8 36.78 14.51 -1.85
CA GLU A 8 36.02 13.29 -2.16
C GLU A 8 34.63 13.58 -2.69
N GLN A 9 33.96 14.60 -2.12
CA GLN A 9 32.65 15.02 -2.60
C GLN A 9 32.68 15.52 -4.03
N ILE A 10 33.71 16.29 -4.37
CA ILE A 10 33.92 16.81 -5.72
C ILE A 10 34.13 15.64 -6.68
N ALA A 11 35.02 14.72 -6.28
CA ALA A 11 35.34 13.54 -7.08
C ALA A 11 34.08 12.74 -7.40
N GLU A 12 33.26 12.51 -6.38
CA GLU A 12 32.04 11.73 -6.53
C GLU A 12 31.03 12.40 -7.46
N PHE A 13 30.85 13.71 -7.35
CA PHE A 13 29.99 14.43 -8.28
C PHE A 13 30.52 14.43 -9.71
N LYS A 14 31.85 14.51 -9.85
CA LYS A 14 32.51 14.45 -11.17
C LYS A 14 32.23 13.15 -11.91
N GLU A 15 32.17 12.06 -11.18
CA GLU A 15 31.87 10.76 -11.76
C GLU A 15 30.44 10.76 -12.30
N ALA A 16 29.52 11.33 -11.52
CA ALA A 16 28.10 11.41 -11.91
C ALA A 16 27.95 12.29 -13.15
N PHE A 17 28.58 13.46 -13.11
CA PHE A 17 28.63 14.41 -14.23
C PHE A 17 29.17 13.73 -15.51
N ALA A 18 30.27 13.00 -15.37
CA ALA A 18 30.86 12.26 -16.48
C ALA A 18 29.90 11.27 -17.16
N LEU A 19 28.96 10.69 -16.41
CA LEU A 19 27.95 9.80 -17.02
C LEU A 19 26.95 10.51 -17.97
N PHE A 20 26.65 11.78 -17.71
CA PHE A 20 25.83 12.59 -18.64
C PHE A 20 26.63 12.95 -19.89
N ASP A 21 27.92 13.20 -19.70
CA ASP A 21 28.81 13.72 -20.74
C ASP A 21 29.31 12.57 -21.64
N LYS A 22 28.42 12.10 -22.54
CA LYS A 22 28.67 10.93 -23.39
C LYS A 22 29.84 11.04 -24.36
N ASP A 23 30.10 12.25 -24.87
CA ASP A 23 31.23 12.43 -25.78
C ASP A 23 32.51 12.95 -25.08
N ASN A 24 32.48 13.01 -23.74
CA ASN A 24 33.64 13.45 -22.95
C ASN A 24 34.16 14.85 -23.35
N SER A 25 33.24 15.78 -23.65
CA SER A 25 33.64 17.12 -24.04
C SER A 25 33.87 18.05 -22.84
N GLY A 26 33.47 17.61 -21.64
CA GLY A 26 33.62 18.44 -20.44
C GLY A 26 32.37 19.24 -20.08
N SER A 27 31.29 19.02 -20.83
CA SER A 27 30.02 19.68 -20.52
C SER A 27 28.83 18.78 -20.91
N ILE A 28 27.63 19.13 -20.44
CA ILE A 28 26.42 18.38 -20.76
C ILE A 28 25.55 19.19 -21.75
N SER A 29 25.37 18.67 -22.95
CA SER A 29 24.56 19.32 -23.98
C SER A 29 23.07 19.04 -23.73
N ALA A 30 22.20 19.77 -24.43
CA ALA A 30 20.75 19.57 -24.32
C ALA A 30 20.38 18.14 -24.77
N SER A 31 21.06 17.63 -25.80
CA SER A 31 20.79 16.27 -26.27
C SER A 31 21.24 15.21 -25.26
N GLU A 32 22.38 15.43 -24.60
CA GLU A 32 22.81 14.54 -23.52
C GLU A 32 21.84 14.54 -22.34
N LEU A 33 21.38 15.74 -21.98
CA LEU A 33 20.43 15.88 -20.87
C LEU A 33 19.12 15.16 -21.18
N ALA A 34 18.54 15.48 -22.33
CA ALA A 34 17.27 14.88 -22.75
C ALA A 34 17.37 13.35 -22.83
N THR A 35 18.46 12.84 -23.40
CA THR A 35 18.64 11.39 -23.54
C THR A 35 18.65 10.63 -22.20
N VAL A 36 19.45 11.10 -21.25
CA VAL A 36 19.52 10.44 -19.95
C VAL A 36 18.17 10.54 -19.23
N MET A 37 17.57 11.73 -19.20
CA MET A 37 16.29 11.88 -18.51
C MET A 37 15.22 10.96 -19.11
N ARG A 38 15.15 10.90 -20.43
CA ARG A 38 14.19 10.03 -21.11
C ARG A 38 14.45 8.53 -20.84
N SER A 39 15.72 8.12 -20.84
CA SER A 39 16.06 6.72 -20.59
C SER A 39 15.68 6.27 -19.16
N LEU A 40 15.51 7.23 -18.26
CA LEU A 40 15.09 6.97 -16.90
C LEU A 40 13.58 7.09 -16.71
N GLY A 41 12.84 7.31 -17.80
CA GLY A 41 11.39 7.39 -17.75
C GLY A 41 10.87 8.71 -17.22
N LEU A 42 11.66 9.76 -17.34
CA LEU A 42 11.20 11.04 -16.80
C LEU A 42 10.49 11.91 -17.86
N SER A 43 10.59 11.49 -19.11
CA SER A 43 9.96 12.16 -20.26
C SER A 43 9.86 13.69 -20.16
N PRO A 44 11.02 14.38 -20.20
CA PRO A 44 10.92 15.84 -20.23
C PRO A 44 10.48 16.28 -21.62
N SER A 45 9.62 17.29 -21.70
CA SER A 45 9.27 17.89 -23.00
C SER A 45 10.46 18.71 -23.52
N GLU A 46 10.42 19.10 -24.79
CA GLU A 46 11.44 20.00 -25.31
C GLU A 46 11.50 21.34 -24.55
N ALA A 47 10.35 21.93 -24.24
CA ALA A 47 10.31 23.20 -23.54
C ALA A 47 10.97 23.10 -22.16
N GLU A 48 10.74 21.98 -21.49
CA GLU A 48 11.36 21.67 -20.20
C GLU A 48 12.90 21.57 -20.31
N VAL A 49 13.39 20.83 -21.31
CA VAL A 49 14.83 20.76 -21.57
C VAL A 49 15.41 22.14 -21.90
N ALA A 50 14.78 22.86 -22.81
CA ALA A 50 15.21 24.22 -23.15
C ALA A 50 15.29 25.10 -21.90
N ASP A 51 14.29 25.00 -21.04
CA ASP A 51 14.29 25.80 -19.81
C ASP A 51 15.43 25.42 -18.86
N LEU A 52 15.64 24.12 -18.68
CA LEU A 52 16.74 23.63 -17.84
C LEU A 52 18.10 24.12 -18.31
N MET A 53 18.36 24.05 -19.62
CA MET A 53 19.63 24.54 -20.18
C MET A 53 19.83 26.04 -19.90
N ASN A 54 18.76 26.81 -20.05
CA ASN A 54 18.79 28.24 -19.74
C ASN A 54 19.07 28.54 -18.26
N GLU A 55 18.38 27.84 -17.38
CA GLU A 55 18.49 28.02 -15.93
C GLU A 55 19.81 27.49 -15.33
N ILE A 56 20.27 26.33 -15.80
CA ILE A 56 21.44 25.71 -15.21
C ILE A 56 22.73 26.25 -15.84
N ASP A 57 22.76 26.38 -17.16
CA ASP A 57 23.95 26.92 -17.80
C ASP A 57 23.88 28.43 -17.89
N VAL A 58 24.11 29.10 -16.76
CA VAL A 58 24.12 30.56 -16.76
C VAL A 58 25.28 31.11 -17.55
N ASP A 59 26.27 30.27 -17.88
CA ASP A 59 27.38 30.69 -18.75
C ASP A 59 26.86 31.08 -20.15
N GLY A 60 25.71 30.54 -20.51
CA GLY A 60 25.03 30.92 -21.77
C GLY A 60 25.44 30.15 -23.01
N ASN A 61 26.14 29.04 -22.82
CA ASN A 61 26.64 28.23 -23.93
C ASN A 61 25.77 27.03 -24.30
N HIS A 62 24.59 26.92 -23.70
CA HIS A 62 23.75 25.70 -23.86
C HIS A 62 24.58 24.42 -23.62
N ALA A 63 25.43 24.48 -22.60
CA ALA A 63 26.22 23.33 -22.20
C ALA A 63 26.54 23.44 -20.71
N ILE A 64 25.99 22.54 -19.92
CA ILE A 64 26.17 22.56 -18.47
C ILE A 64 27.59 22.16 -18.13
N GLU A 65 28.32 23.08 -17.49
CA GLU A 65 29.66 22.81 -17.01
C GLU A 65 29.64 22.15 -15.63
N PHE A 66 30.76 21.58 -15.22
CA PHE A 66 30.85 20.90 -13.91
C PHE A 66 30.50 21.79 -12.70
N SER A 67 30.99 23.03 -12.70
CA SER A 67 30.66 23.96 -11.60
C SER A 67 29.15 24.22 -11.45
N GLU A 68 28.44 24.26 -12.58
CA GLU A 68 26.97 24.47 -12.59
C GLU A 68 26.23 23.21 -12.15
N PHE A 69 26.74 22.04 -12.55
CA PHE A 69 26.25 20.76 -12.05
C PHE A 69 26.38 20.68 -10.52
N LEU A 70 27.53 21.09 -9.98
CA LEU A 70 27.72 21.15 -8.54
C LEU A 70 26.72 22.09 -7.84
N ALA A 71 26.50 23.28 -8.40
CA ALA A 71 25.54 24.22 -7.83
C ALA A 71 24.10 23.68 -7.84
N LEU A 72 23.77 22.95 -8.90
CA LEU A 72 22.51 22.20 -9.00
C LEU A 72 22.30 21.20 -7.86
N MET A 73 23.37 20.48 -7.51
CA MET A 73 23.28 19.38 -6.56
C MET A 73 23.62 19.77 -5.10
N SER A 74 24.04 21.02 -4.89
CA SER A 74 24.54 21.45 -3.59
C SER A 74 23.48 21.45 -2.50
N ARG A 75 22.25 21.80 -2.87
CA ARG A 75 21.13 21.77 -1.95
C ARG A 75 20.93 20.37 -1.38
N GLN A 76 21.11 19.34 -2.21
CA GLN A 76 20.99 17.95 -1.75
C GLN A 76 21.97 17.61 -0.65
N LEU A 77 23.19 18.17 -0.74
CA LEU A 77 24.20 18.00 0.31
C LEU A 77 23.83 18.73 1.58
N LYS A 78 23.29 19.95 1.43
CA LYS A 78 22.86 20.77 2.56
C LYS A 78 21.72 20.07 3.31
N CYS A 79 20.95 19.30 2.56
CA CYS A 79 19.73 18.70 3.06
C CYS A 79 19.87 17.25 3.52
N ASN A 80 21.06 16.66 3.41
CA ASN A 80 21.23 15.24 3.77
C ASN A 80 20.86 14.91 5.22
N ASP A 81 21.29 15.73 6.17
CA ASP A 81 20.87 15.53 7.58
C ASP A 81 19.35 15.53 7.74
N SER A 82 18.67 16.50 7.13
CA SER A 82 17.20 16.57 7.19
C SER A 82 16.50 15.34 6.61
N GLU A 83 17.03 14.82 5.49
CA GLU A 83 16.50 13.60 4.90
C GLU A 83 16.62 12.40 5.84
N GLN A 84 17.77 12.26 6.50
CA GLN A 84 17.97 11.15 7.43
C GLN A 84 17.07 11.27 8.65
N GLU A 85 16.86 12.50 9.13
CA GLU A 85 15.93 12.79 10.24
C GLU A 85 14.50 12.45 9.87
N LEU A 86 14.09 12.83 8.67
CA LEU A 86 12.75 12.54 8.17
C LEU A 86 12.50 11.02 8.20
N LEU A 87 13.46 10.26 7.69
CA LEU A 87 13.34 8.80 7.68
C LEU A 87 13.33 8.19 9.08
N GLU A 88 14.17 8.71 9.97
CA GLU A 88 14.16 8.28 11.38
C GLU A 88 12.83 8.62 12.07
N ALA A 89 12.31 9.83 11.84
CA ALA A 89 11.01 10.22 12.41
C ALA A 89 9.90 9.31 11.91
N PHE A 90 9.95 8.99 10.62
CA PHE A 90 8.94 8.10 10.03
C PHE A 90 9.01 6.70 10.70
N LYS A 91 10.23 6.22 10.90
CA LYS A 91 10.49 4.97 11.61
C LYS A 91 9.95 4.89 13.06
N VAL A 92 9.94 6.03 13.77
CA VAL A 92 9.28 6.09 15.08
C VAL A 92 7.81 5.65 15.01
N PHE A 93 7.07 6.15 14.03
CA PHE A 93 5.70 5.70 13.80
C PHE A 93 5.66 4.25 13.28
N ASP A 94 6.40 3.98 12.20
CA ASP A 94 6.41 2.71 11.48
C ASP A 94 7.17 1.58 12.22
N LYS A 95 6.57 1.07 13.30
CA LYS A 95 7.23 0.08 14.16
C LYS A 95 7.55 -1.26 13.50
N ASN A 96 6.68 -1.74 12.62
CA ASN A 96 6.91 -3.02 11.97
C ASN A 96 7.82 -2.90 10.74
N GLY A 97 8.10 -1.67 10.33
CA GLY A 97 9.07 -1.40 9.27
C GLY A 97 8.65 -1.79 7.87
N ASP A 98 7.35 -1.74 7.59
CA ASP A 98 6.84 -2.04 6.25
C ASP A 98 6.72 -0.81 5.34
N GLY A 99 7.24 0.34 5.79
CA GLY A 99 7.16 1.58 5.01
C GLY A 99 5.79 2.26 4.99
N LEU A 100 4.90 1.86 5.89
CA LEU A 100 3.55 2.47 6.01
C LEU A 100 3.24 2.79 7.46
N ILE A 101 2.51 3.88 7.72
CA ILE A 101 2.02 4.15 9.06
C ILE A 101 0.51 3.87 9.14
N SER A 102 0.13 2.94 10.01
CA SER A 102 -1.30 2.63 10.23
C SER A 102 -1.84 3.39 11.43
N ALA A 103 -3.16 3.31 11.62
CA ALA A 103 -3.82 3.93 12.77
C ALA A 103 -3.35 3.31 14.09
N ALA A 104 -3.16 2.00 14.09
CA ALA A 104 -2.61 1.29 15.27
C ALA A 104 -1.21 1.81 15.65
N GLU A 105 -0.38 2.11 14.67
CA GLU A 105 0.95 2.66 14.95
C GLU A 105 0.89 4.12 15.39
N LEU A 106 0.02 4.89 14.75
CA LEU A 106 -0.23 6.26 15.18
C LEU A 106 -0.73 6.31 16.65
N LYS A 107 -1.68 5.44 16.99
CA LYS A 107 -2.19 5.31 18.37
C LYS A 107 -1.06 5.07 19.38
N HIS A 108 -0.11 4.19 19.03
CA HIS A 108 1.00 3.88 19.92
C HIS A 108 1.89 5.10 20.20
N VAL A 109 2.15 5.91 19.19
CA VAL A 109 2.90 7.14 19.38
C VAL A 109 2.08 8.10 20.26
N LEU A 110 0.79 8.24 19.95
CA LEU A 110 -0.10 9.11 20.72
C LEU A 110 -0.08 8.76 22.21
N THR A 111 -0.23 7.48 22.52
CA THR A 111 -0.18 6.96 23.90
C THR A 111 1.16 7.24 24.55
N SER A 112 2.26 6.99 23.82
CA SER A 112 3.61 7.28 24.33
C SER A 112 3.77 8.71 24.83
N ILE A 113 3.23 9.67 24.10
CA ILE A 113 3.39 11.08 24.46
C ILE A 113 2.29 11.62 25.39
N GLY A 114 1.42 10.73 25.85
CA GLY A 114 0.37 11.06 26.82
C GLY A 114 -0.88 11.69 26.23
N GLU A 115 -1.16 11.37 24.97
CA GLU A 115 -2.37 11.84 24.30
C GLU A 115 -3.37 10.68 24.19
N LYS A 116 -4.46 10.78 24.95
CA LYS A 116 -5.49 9.75 24.99
C LYS A 116 -6.62 10.10 24.03
N LEU A 117 -6.59 9.50 22.85
CA LEU A 117 -7.63 9.69 21.83
C LEU A 117 -8.39 8.39 21.65
N THR A 118 -9.67 8.46 21.35
CA THR A 118 -10.41 7.25 20.97
C THR A 118 -9.85 6.69 19.66
N ASP A 119 -10.09 5.40 19.39
CA ASP A 119 -9.63 4.81 18.16
C ASP A 119 -10.25 5.50 16.93
N ALA A 120 -11.51 5.91 17.06
CA ALA A 120 -12.22 6.62 15.98
C ALA A 120 -11.52 7.93 15.62
N GLU A 121 -11.10 8.68 16.64
CA GLU A 121 -10.36 9.95 16.44
C GLU A 121 -8.98 9.72 15.78
N VAL A 122 -8.33 8.62 16.13
CA VAL A 122 -7.08 8.24 15.50
C VAL A 122 -7.30 7.93 14.02
N ASP A 123 -8.31 7.11 13.71
CA ASP A 123 -8.74 6.87 12.34
C ASP A 123 -8.94 8.19 11.56
N GLU A 124 -9.68 9.12 12.15
CA GLU A 124 -9.93 10.43 11.51
C GLU A 124 -8.64 11.26 11.34
N MET A 125 -7.77 11.24 12.34
CA MET A 125 -6.47 11.93 12.26
C MET A 125 -5.68 11.43 11.04
N LEU A 126 -5.56 10.12 10.91
CA LEU A 126 -4.85 9.51 9.78
C LEU A 126 -5.52 9.82 8.44
N ARG A 127 -6.86 9.73 8.40
CA ARG A 127 -7.60 9.92 7.15
C ARG A 127 -7.42 11.32 6.53
N GLU A 128 -7.21 12.33 7.38
CA GLU A 128 -7.07 13.72 6.93
C GLU A 128 -5.86 13.91 6.01
N VAL A 129 -4.84 13.07 6.20
CA VAL A 129 -3.58 13.17 5.47
C VAL A 129 -3.29 11.97 4.57
N SER A 130 -4.10 10.92 4.70
CA SER A 130 -3.98 9.77 3.82
C SER A 130 -4.84 10.13 2.61
N ASP A 131 -4.60 9.49 1.48
CA ASP A 131 -5.32 9.92 0.28
C ASP A 131 -6.37 8.91 -0.14
N GLY A 132 -7.31 8.66 0.78
CA GLY A 132 -8.27 7.56 0.65
C GLY A 132 -7.69 6.27 1.18
N SER A 133 -6.41 6.30 1.53
CA SER A 133 -5.65 5.11 1.94
C SER A 133 -5.81 4.81 3.43
N GLY A 134 -5.61 3.54 3.78
CA GLY A 134 -5.65 3.13 5.18
C GLY A 134 -4.35 3.46 5.91
N GLU A 135 -3.33 3.88 5.16
CA GLU A 135 -2.00 4.07 5.73
C GLU A 135 -1.25 5.24 5.11
N ILE A 136 -0.22 5.70 5.80
CA ILE A 136 0.59 6.82 5.34
C ILE A 136 1.96 6.33 4.94
N ASN A 137 2.34 6.59 3.68
CA ASN A 137 3.66 6.22 3.18
C ASN A 137 4.67 7.37 3.31
N ILE A 138 5.94 7.10 3.01
CA ILE A 138 6.99 8.12 3.20
C ILE A 138 6.73 9.38 2.36
N LYS A 139 6.19 9.19 1.15
CA LYS A 139 5.86 10.30 0.25
C LYS A 139 4.83 11.22 0.88
N GLN A 140 3.77 10.62 1.41
CA GLN A 140 2.70 11.37 2.08
C GLN A 140 3.19 12.03 3.38
N PHE A 141 4.03 11.32 4.13
CA PHE A 141 4.66 11.88 5.33
C PHE A 141 5.45 13.16 4.98
N ALA A 142 6.24 13.10 3.91
CA ALA A 142 7.00 14.27 3.45
C ALA A 142 6.09 15.39 2.91
N ALA A 143 5.12 15.02 2.08
CA ALA A 143 4.16 15.98 1.51
C ALA A 143 3.40 16.73 2.60
N LEU A 144 3.03 16.01 3.65
CA LEU A 144 2.32 16.57 4.80
C LEU A 144 3.10 17.72 5.42
N LEU A 145 4.43 17.59 5.49
CA LEU A 145 5.28 18.60 6.11
C LEU A 145 5.68 19.75 5.16
N SER A 146 5.16 19.72 3.94
CA SER A 146 5.41 20.79 2.96
C SER A 146 4.38 21.94 3.07
N LYS A 147 3.67 21.98 4.22
CA LYS A 147 2.56 22.91 4.45
C LYS A 147 1.38 22.66 3.50
N LEU B 5 9.64 29.80 5.59
CA LEU B 5 9.47 31.21 6.05
C LEU B 5 8.00 31.59 6.30
N THR B 6 7.09 30.85 5.69
CA THR B 6 5.65 31.23 5.64
C THR B 6 4.95 31.28 7.00
N GLU B 7 3.90 32.11 7.08
CA GLU B 7 3.13 32.31 8.32
C GLU B 7 2.36 31.06 8.78
N GLU B 8 1.89 30.25 7.84
CA GLU B 8 1.15 29.03 8.17
C GLU B 8 2.07 27.97 8.77
N GLN B 9 3.32 27.93 8.30
CA GLN B 9 4.34 27.04 8.81
C GLN B 9 4.68 27.35 10.28
N ILE B 10 4.70 28.64 10.61
CA ILE B 10 4.91 29.12 11.98
C ILE B 10 3.77 28.71 12.92
N ALA B 11 2.52 28.89 12.47
CA ALA B 11 1.36 28.52 13.26
C ALA B 11 1.32 27.02 13.58
N GLU B 12 1.75 26.21 12.62
CA GLU B 12 1.71 24.76 12.75
C GLU B 12 2.80 24.28 13.71
N PHE B 13 3.98 24.89 13.61
CA PHE B 13 5.08 24.63 14.52
C PHE B 13 4.75 24.97 15.97
N LYS B 14 3.93 26.01 16.15
CA LYS B 14 3.48 26.46 17.47
C LYS B 14 2.63 25.41 18.19
N GLU B 15 1.83 24.71 17.41
CA GLU B 15 1.05 23.58 17.92
C GLU B 15 1.97 22.46 18.43
N ALA B 16 3.02 22.15 17.67
CA ALA B 16 4.00 21.14 18.12
C ALA B 16 4.75 21.62 19.37
N PHE B 17 5.11 22.91 19.39
CA PHE B 17 5.76 23.52 20.55
C PHE B 17 4.90 23.35 21.79
N ALA B 18 3.59 23.58 21.63
CA ALA B 18 2.63 23.48 22.74
C ALA B 18 2.61 22.09 23.39
N LEU B 19 2.72 21.04 22.58
CA LEU B 19 2.81 19.67 23.08
C LEU B 19 4.01 19.40 24.02
N PHE B 20 5.15 20.05 23.74
CA PHE B 20 6.32 19.97 24.64
C PHE B 20 6.11 20.79 25.88
N ASP B 21 5.52 21.98 25.69
CA ASP B 21 5.30 22.97 26.76
C ASP B 21 4.07 22.61 27.58
N LYS B 22 4.20 21.61 28.45
CA LYS B 22 3.05 20.98 29.11
C LYS B 22 2.34 21.86 30.15
N ASP B 23 3.10 22.70 30.85
CA ASP B 23 2.52 23.62 31.84
C ASP B 23 2.11 24.96 31.22
N ASN B 24 2.23 25.06 29.90
CA ASN B 24 1.84 26.25 29.14
C ASN B 24 2.56 27.53 29.60
N SER B 25 3.86 27.42 29.84
CA SER B 25 4.64 28.55 30.34
C SER B 25 5.36 29.37 29.26
N GLY B 26 5.25 28.93 28.01
CA GLY B 26 5.87 29.64 26.88
C GLY B 26 7.32 29.29 26.61
N SER B 27 7.84 28.32 27.36
CA SER B 27 9.17 27.79 27.12
C SER B 27 9.17 26.27 27.28
N ILE B 28 10.21 25.61 26.77
CA ILE B 28 10.38 24.18 26.98
C ILE B 28 11.62 24.00 27.85
N SER B 29 11.43 23.45 29.05
CA SER B 29 12.53 23.22 29.97
C SER B 29 13.30 21.95 29.62
N ALA B 30 14.41 21.72 30.32
CA ALA B 30 15.22 20.51 30.14
C ALA B 30 14.43 19.24 30.39
N SER B 31 13.60 19.24 31.43
CA SER B 31 12.86 18.05 31.83
C SER B 31 11.70 17.77 30.86
N GLU B 32 10.98 18.81 30.48
CA GLU B 32 9.89 18.64 29.49
C GLU B 32 10.43 18.02 28.21
N LEU B 33 11.57 18.53 27.76
CA LEU B 33 12.25 18.02 26.58
C LEU B 33 12.68 16.57 26.75
N ALA B 34 13.36 16.28 27.86
CA ALA B 34 13.81 14.92 28.17
C ALA B 34 12.65 13.93 28.20
N THR B 35 11.57 14.32 28.86
CA THR B 35 10.37 13.47 29.04
C THR B 35 9.80 12.99 27.70
N VAL B 36 9.62 13.92 26.77
CA VAL B 36 9.04 13.54 25.47
C VAL B 36 9.97 12.63 24.65
N MET B 37 11.25 13.02 24.58
CA MET B 37 12.26 12.24 23.86
C MET B 37 12.35 10.82 24.42
N ARG B 38 12.41 10.72 25.75
CA ARG B 38 12.41 9.43 26.45
C ARG B 38 11.15 8.61 26.13
N SER B 39 9.99 9.27 26.15
CA SER B 39 8.74 8.58 25.84
C SER B 39 8.70 8.00 24.42
N LEU B 40 9.50 8.57 23.52
CA LEU B 40 9.54 8.07 22.13
C LEU B 40 10.66 7.04 21.88
N GLY B 41 11.36 6.67 22.94
CA GLY B 41 12.47 5.72 22.85
C GLY B 41 13.75 6.36 22.35
N LEU B 42 13.86 7.68 22.47
CA LEU B 42 15.05 8.40 22.06
C LEU B 42 15.83 8.81 23.30
N SER B 43 16.58 7.85 23.85
CA SER B 43 17.27 8.00 25.14
C SER B 43 18.34 9.09 25.15
N PRO B 44 18.04 10.25 25.76
CA PRO B 44 19.00 11.34 25.86
C PRO B 44 19.69 11.39 27.23
N SER B 45 21.02 11.40 27.23
CA SER B 45 21.78 11.54 28.48
C SER B 45 21.64 12.95 29.04
N GLU B 46 21.92 13.11 30.34
CA GLU B 46 21.90 14.44 30.95
C GLU B 46 22.90 15.38 30.28
N ALA B 47 24.03 14.82 29.85
CA ALA B 47 25.02 15.57 29.09
C ALA B 47 24.48 16.01 27.72
N GLU B 48 23.84 15.09 27.01
CA GLU B 48 23.21 15.41 25.73
C GLU B 48 22.16 16.51 25.91
N VAL B 49 21.34 16.37 26.96
CA VAL B 49 20.30 17.36 27.27
C VAL B 49 20.93 18.74 27.52
N ALA B 50 21.97 18.78 28.33
CA ALA B 50 22.65 20.04 28.67
C ALA B 50 23.20 20.77 27.46
N ASP B 51 23.93 20.07 26.60
CA ASP B 51 24.53 20.70 25.42
C ASP B 51 23.49 21.13 24.37
N LEU B 52 22.30 20.49 24.41
CA LEU B 52 21.18 20.91 23.58
C LEU B 52 20.65 22.27 24.04
N MET B 53 20.40 22.39 25.34
CA MET B 53 19.86 23.62 25.93
C MET B 53 20.73 24.85 25.67
N ASN B 54 22.04 24.67 25.72
CA ASN B 54 22.98 25.75 25.43
C ASN B 54 23.04 26.12 23.94
N GLU B 55 22.88 25.11 23.08
CA GLU B 55 22.91 25.32 21.63
C GLU B 55 21.61 25.94 21.10
N ILE B 56 20.48 25.62 21.74
CA ILE B 56 19.16 26.04 21.26
C ILE B 56 18.66 27.32 21.96
N ASP B 57 18.86 27.44 23.27
CA ASP B 57 18.42 28.65 23.97
C ASP B 57 19.55 29.67 24.14
N VAL B 58 19.51 30.69 23.28
CA VAL B 58 20.47 31.79 23.31
C VAL B 58 20.03 32.91 24.27
N ASP B 59 18.73 32.93 24.62
CA ASP B 59 18.19 33.88 25.60
C ASP B 59 18.98 33.76 26.90
N GLY B 60 19.35 32.53 27.24
CA GLY B 60 20.13 32.23 28.45
C GLY B 60 19.30 31.67 29.58
N ASN B 61 17.98 31.81 29.50
CA ASN B 61 17.05 31.39 30.55
C ASN B 61 16.96 29.87 30.75
N HIS B 62 17.89 29.13 30.14
CA HIS B 62 17.96 27.67 30.21
C HIS B 62 16.63 26.99 29.87
N ALA B 63 15.96 27.50 28.83
CA ALA B 63 14.68 26.98 28.36
C ALA B 63 14.42 27.42 26.92
N ILE B 64 13.87 26.52 26.11
CA ILE B 64 13.66 26.80 24.69
C ILE B 64 12.39 27.62 24.47
N GLU B 65 12.56 28.86 24.03
CA GLU B 65 11.42 29.66 23.59
C GLU B 65 11.03 29.27 22.19
N PHE B 66 9.81 29.65 21.79
CA PHE B 66 9.27 29.27 20.49
C PHE B 66 10.15 29.67 19.29
N SER B 67 10.71 30.88 19.33
CA SER B 67 11.54 31.34 18.20
C SER B 67 12.81 30.49 18.04
N GLU B 68 13.30 29.97 19.16
CA GLU B 68 14.47 29.07 19.17
C GLU B 68 14.11 27.68 18.66
N PHE B 69 12.93 27.20 19.04
CA PHE B 69 12.34 25.97 18.49
C PHE B 69 12.18 26.08 16.97
N LEU B 70 11.72 27.25 16.53
CA LEU B 70 11.58 27.56 15.10
C LEU B 70 12.92 27.51 14.36
N ALA B 71 13.96 28.15 14.92
CA ALA B 71 15.29 28.13 14.31
C ALA B 71 15.83 26.70 14.19
N LEU B 72 15.48 25.86 15.16
CA LEU B 72 15.86 24.45 15.19
C LEU B 72 15.23 23.64 14.06
N MET B 73 13.97 23.94 13.77
CA MET B 73 13.18 23.17 12.81
C MET B 73 13.20 23.72 11.39
N SER B 74 13.69 24.94 11.20
CA SER B 74 13.56 25.63 9.91
C SER B 74 14.26 24.91 8.74
N ARG B 75 15.42 24.32 8.97
CA ARG B 75 16.12 23.58 7.92
C ARG B 75 15.27 22.43 7.34
N GLN B 76 14.54 21.71 8.20
CA GLN B 76 13.62 20.67 7.73
C GLN B 76 12.63 21.17 6.69
N LEU B 77 12.01 22.32 6.98
CA LEU B 77 11.11 23.00 6.04
C LEU B 77 11.75 23.40 4.74
N LYS B 78 12.93 23.98 4.82
CA LYS B 78 13.68 24.38 3.64
C LYS B 78 14.10 23.16 2.82
N CYS B 79 14.26 22.02 3.50
CA CYS B 79 14.76 20.82 2.86
C CYS B 79 13.67 19.89 2.33
N ASN B 80 12.42 20.36 2.33
CA ASN B 80 11.32 19.53 1.87
C ASN B 80 11.38 19.11 0.40
N ASP B 81 11.76 20.01 -0.50
CA ASP B 81 11.90 19.65 -1.92
C ASP B 81 12.99 18.60 -2.13
N SER B 82 14.12 18.75 -1.45
CA SER B 82 15.20 17.78 -1.55
C SER B 82 14.75 16.40 -1.08
N GLU B 83 13.98 16.35 0.01
CA GLU B 83 13.43 15.10 0.52
C GLU B 83 12.53 14.41 -0.51
N GLN B 84 11.67 15.18 -1.17
CA GLN B 84 10.79 14.66 -2.23
C GLN B 84 11.59 14.12 -3.42
N GLU B 85 12.66 14.84 -3.78
CA GLU B 85 13.58 14.40 -4.83
C GLU B 85 14.23 13.06 -4.48
N LEU B 86 14.70 12.93 -3.23
CA LEU B 86 15.33 11.68 -2.78
C LEU B 86 14.40 10.47 -2.90
N LEU B 87 13.16 10.63 -2.43
CA LEU B 87 12.14 9.57 -2.54
C LEU B 87 11.82 9.20 -3.99
N GLU B 88 11.62 10.21 -4.83
CA GLU B 88 11.41 9.95 -6.27
C GLU B 88 12.62 9.28 -6.95
N ALA B 89 13.84 9.70 -6.59
CA ALA B 89 15.04 9.04 -7.08
C ALA B 89 15.05 7.57 -6.66
N PHE B 90 14.79 7.32 -5.40
CA PHE B 90 14.69 5.94 -4.90
C PHE B 90 13.66 5.11 -5.72
N LYS B 91 12.48 5.70 -5.96
CA LYS B 91 11.41 5.04 -6.73
C LYS B 91 11.77 4.69 -8.19
N VAL B 92 12.58 5.54 -8.82
CA VAL B 92 13.17 5.21 -10.14
C VAL B 92 13.88 3.82 -10.12
N PHE B 93 14.65 3.56 -9.07
CA PHE B 93 15.26 2.24 -8.89
C PHE B 93 14.17 1.22 -8.47
N ASP B 94 13.41 1.55 -7.43
CA ASP B 94 12.44 0.62 -6.82
C ASP B 94 11.14 0.51 -7.65
N LYS B 95 11.24 -0.11 -8.82
CA LYS B 95 10.14 -0.10 -9.80
C LYS B 95 8.84 -0.78 -9.34
N ASN B 96 8.95 -1.85 -8.55
CA ASN B 96 7.77 -2.55 -8.02
C ASN B 96 7.25 -2.00 -6.67
N GLY B 97 7.95 -1.04 -6.11
CA GLY B 97 7.51 -0.30 -4.92
C GLY B 97 7.52 -1.01 -3.58
N ASP B 98 8.36 -2.03 -3.41
CA ASP B 98 8.40 -2.77 -2.14
C ASP B 98 9.33 -2.16 -1.07
N GLY B 99 9.90 -1.00 -1.37
CA GLY B 99 10.82 -0.31 -0.44
C GLY B 99 12.24 -0.86 -0.49
N LEU B 100 12.52 -1.73 -1.46
CA LEU B 100 13.84 -2.34 -1.58
C LEU B 100 14.34 -2.29 -3.01
N ILE B 101 15.59 -1.88 -3.19
CA ILE B 101 16.22 -1.95 -4.51
C ILE B 101 16.92 -3.30 -4.67
N SER B 102 16.37 -4.15 -5.55
CA SER B 102 16.98 -5.46 -5.88
C SER B 102 18.08 -5.34 -6.94
N ALA B 103 18.81 -6.45 -7.12
CA ALA B 103 19.84 -6.54 -8.16
C ALA B 103 19.23 -6.38 -9.55
N ALA B 104 18.07 -7.02 -9.78
CA ALA B 104 17.36 -6.88 -11.05
C ALA B 104 17.00 -5.42 -11.36
N GLU B 105 16.53 -4.70 -10.34
CA GLU B 105 16.14 -3.32 -10.52
C GLU B 105 17.32 -2.42 -10.85
N LEU B 106 18.42 -2.61 -10.12
CA LEU B 106 19.66 -1.87 -10.37
C LEU B 106 20.18 -2.14 -11.78
N LYS B 107 20.20 -3.41 -12.16
CA LYS B 107 20.65 -3.81 -13.50
C LYS B 107 19.81 -3.12 -14.58
N HIS B 108 18.51 -3.01 -14.35
CA HIS B 108 17.58 -2.36 -15.27
C HIS B 108 17.90 -0.87 -15.44
N VAL B 109 18.20 -0.20 -14.33
CA VAL B 109 18.61 1.20 -14.39
C VAL B 109 19.96 1.31 -15.15
N LEU B 110 20.90 0.43 -14.83
CA LEU B 110 22.22 0.46 -15.46
C LEU B 110 22.11 0.29 -16.99
N THR B 111 21.31 -0.68 -17.40
CA THR B 111 21.08 -0.91 -18.82
C THR B 111 20.45 0.33 -19.49
N SER B 112 19.50 0.93 -18.81
CA SER B 112 18.81 2.14 -19.29
C SER B 112 19.75 3.30 -19.60
N ILE B 113 20.81 3.44 -18.82
CA ILE B 113 21.76 4.54 -19.00
C ILE B 113 23.01 4.13 -19.80
N GLY B 114 23.00 2.93 -20.36
CA GLY B 114 24.06 2.47 -21.25
C GLY B 114 25.28 1.92 -20.55
N GLU B 115 25.07 1.38 -19.35
CA GLU B 115 26.15 0.76 -18.57
C GLU B 115 25.92 -0.75 -18.51
N LYS B 116 26.78 -1.47 -19.21
CA LYS B 116 26.64 -2.90 -19.37
C LYS B 116 27.45 -3.68 -18.34
N LEU B 117 26.74 -4.19 -17.34
CA LEU B 117 27.35 -4.99 -16.28
C LEU B 117 26.82 -6.40 -16.28
N THR B 118 27.66 -7.36 -15.89
CA THR B 118 27.21 -8.74 -15.69
C THR B 118 26.46 -8.83 -14.37
N ASP B 119 25.77 -9.94 -14.13
CA ASP B 119 25.06 -10.14 -12.87
C ASP B 119 26.02 -10.09 -11.67
N ALA B 120 27.17 -10.75 -11.80
CA ALA B 120 28.22 -10.69 -10.79
C ALA B 120 28.68 -9.25 -10.53
N GLU B 121 28.83 -8.45 -11.59
CA GLU B 121 29.22 -7.05 -11.42
C GLU B 121 28.11 -6.21 -10.75
N VAL B 122 26.85 -6.43 -11.12
CA VAL B 122 25.71 -5.80 -10.45
C VAL B 122 25.66 -6.19 -8.96
N ASP B 123 25.87 -7.47 -8.67
CA ASP B 123 25.86 -7.96 -7.30
C ASP B 123 26.91 -7.28 -6.44
N GLU B 124 28.12 -7.16 -6.98
CA GLU B 124 29.22 -6.51 -6.29
C GLU B 124 28.93 -5.03 -6.05
N MET B 125 28.35 -4.35 -7.04
CA MET B 125 27.95 -2.95 -6.90
C MET B 125 26.96 -2.76 -5.74
N LEU B 126 25.96 -3.65 -5.68
CA LEU B 126 24.92 -3.58 -4.67
C LEU B 126 25.48 -3.95 -3.30
N ARG B 127 26.37 -4.94 -3.28
CA ARG B 127 27.04 -5.43 -2.07
C ARG B 127 27.77 -4.33 -1.30
N GLU B 128 28.48 -3.46 -2.04
CA GLU B 128 29.27 -2.38 -1.46
C GLU B 128 28.47 -1.40 -0.59
N VAL B 129 27.18 -1.27 -0.85
CA VAL B 129 26.35 -0.25 -0.19
C VAL B 129 25.20 -0.81 0.66
N SER B 130 25.03 -2.14 0.66
CA SER B 130 23.93 -2.77 1.37
C SER B 130 24.38 -3.49 2.64
N ASP B 131 25.65 -3.32 2.99
CA ASP B 131 26.28 -4.02 4.12
C ASP B 131 26.18 -5.54 4.00
N GLY B 132 26.39 -6.06 2.79
CA GLY B 132 26.34 -7.50 2.53
C GLY B 132 24.95 -8.05 2.26
N SER B 133 23.91 -7.26 2.58
CA SER B 133 22.52 -7.60 2.29
C SER B 133 22.24 -7.66 0.79
N GLY B 134 21.21 -8.37 0.39
CA GLY B 134 20.86 -8.50 -1.03
C GLY B 134 20.25 -7.27 -1.67
N GLU B 135 19.83 -6.29 -0.84
CA GLU B 135 18.98 -5.19 -1.29
C GLU B 135 19.28 -3.86 -0.58
N ILE B 136 18.85 -2.76 -1.19
CA ILE B 136 19.06 -1.42 -0.62
C ILE B 136 17.72 -0.82 -0.19
N ASN B 137 17.62 -0.44 1.07
CA ASN B 137 16.45 0.30 1.55
C ASN B 137 16.67 1.82 1.49
N ILE B 138 15.62 2.58 1.78
CA ILE B 138 15.67 4.03 1.68
C ILE B 138 16.65 4.66 2.68
N LYS B 139 16.77 4.05 3.85
CA LYS B 139 17.74 4.50 4.85
C LYS B 139 19.15 4.44 4.31
N GLN B 140 19.51 3.29 3.74
CA GLN B 140 20.84 3.07 3.14
C GLN B 140 21.10 3.97 1.93
N PHE B 141 20.06 4.20 1.13
CA PHE B 141 20.11 5.11 -0.02
C PHE B 141 20.47 6.53 0.44
N ALA B 142 19.77 7.03 1.46
CA ALA B 142 20.07 8.34 2.04
C ALA B 142 21.47 8.42 2.67
N ALA B 143 21.83 7.41 3.45
CA ALA B 143 23.15 7.36 4.09
C ALA B 143 24.30 7.37 3.09
N LEU B 144 24.23 6.51 2.07
CA LEU B 144 25.31 6.40 1.09
C LEU B 144 25.52 7.73 0.35
N LEU B 145 24.48 8.55 0.32
CA LEU B 145 24.57 9.87 -0.31
C LEU B 145 25.16 10.96 0.60
N SER B 146 25.53 10.59 1.82
CA SER B 146 26.27 11.49 2.71
C SER B 146 27.77 11.19 2.67
N LEU C 5 -24.54 -24.27 -16.58
CA LEU C 5 -23.83 -23.39 -17.56
C LEU C 5 -24.72 -23.02 -18.74
N THR C 6 -25.02 -21.73 -18.86
CA THR C 6 -25.85 -21.22 -19.95
C THR C 6 -25.03 -21.12 -21.24
N GLU C 7 -25.72 -21.02 -22.37
CA GLU C 7 -25.05 -20.86 -23.67
C GLU C 7 -24.19 -19.59 -23.72
N GLU C 8 -24.59 -18.57 -22.94
CA GLU C 8 -23.79 -17.35 -22.81
C GLU C 8 -22.56 -17.56 -21.90
N GLN C 9 -22.74 -18.26 -20.79
CA GLN C 9 -21.63 -18.61 -19.91
C GLN C 9 -20.57 -19.39 -20.68
N ILE C 10 -21.02 -20.44 -21.38
CA ILE C 10 -20.17 -21.26 -22.24
C ILE C 10 -19.46 -20.40 -23.28
N ALA C 11 -20.22 -19.49 -23.92
CA ALA C 11 -19.65 -18.56 -24.89
C ALA C 11 -18.63 -17.60 -24.26
N GLU C 12 -18.94 -17.10 -23.07
CA GLU C 12 -18.02 -16.22 -22.34
C GLU C 12 -16.72 -16.94 -22.00
N PHE C 13 -16.83 -18.18 -21.53
CA PHE C 13 -15.66 -19.01 -21.29
C PHE C 13 -14.89 -19.32 -22.57
N LYS C 14 -15.61 -19.59 -23.66
CA LYS C 14 -15.00 -19.84 -24.97
C LYS C 14 -14.10 -18.69 -25.42
N GLU C 15 -14.60 -17.47 -25.30
CA GLU C 15 -13.80 -16.28 -25.66
C GLU C 15 -12.50 -16.19 -24.85
N ALA C 16 -12.58 -16.44 -23.55
CA ALA C 16 -11.39 -16.47 -22.70
C ALA C 16 -10.43 -17.58 -23.14
N PHE C 17 -10.99 -18.75 -23.44
CA PHE C 17 -10.22 -19.89 -23.95
C PHE C 17 -9.51 -19.53 -25.26
N ALA C 18 -10.26 -18.93 -26.20
CA ALA C 18 -9.72 -18.51 -27.49
C ALA C 18 -8.53 -17.55 -27.35
N LEU C 19 -8.53 -16.75 -26.29
CA LEU C 19 -7.42 -15.85 -26.02
C LEU C 19 -6.11 -16.59 -25.74
N PHE C 20 -6.19 -17.69 -24.98
CA PHE C 20 -5.05 -18.61 -24.81
C PHE C 20 -4.68 -19.35 -26.10
N ASP C 21 -5.71 -19.81 -26.83
CA ASP C 21 -5.54 -20.67 -28.01
C ASP C 21 -5.31 -19.80 -29.25
N LYS C 22 -4.08 -19.30 -29.39
CA LYS C 22 -3.75 -18.29 -30.39
C LYS C 22 -3.73 -18.80 -31.83
N ASP C 23 -3.42 -20.08 -32.03
CA ASP C 23 -3.44 -20.66 -33.38
C ASP C 23 -4.77 -21.36 -33.67
N ASN C 24 -5.74 -21.15 -32.79
CA ASN C 24 -7.11 -21.64 -32.94
C ASN C 24 -7.22 -23.13 -33.32
N SER C 25 -6.39 -23.95 -32.67
CA SER C 25 -6.39 -25.41 -32.90
C SER C 25 -7.40 -26.16 -32.02
N GLY C 26 -8.00 -25.46 -31.05
CA GLY C 26 -9.01 -26.06 -30.17
C GLY C 26 -8.46 -26.58 -28.84
N SER C 27 -7.18 -26.33 -28.59
CA SER C 27 -6.55 -26.65 -27.32
C SER C 27 -5.53 -25.58 -26.90
N ILE C 28 -5.13 -25.59 -25.63
CA ILE C 28 -4.08 -24.71 -25.13
C ILE C 28 -2.85 -25.56 -24.86
N SER C 29 -1.73 -25.23 -25.51
CA SER C 29 -0.49 -25.95 -25.30
C SER C 29 0.28 -25.38 -24.10
N ALA C 30 1.34 -26.07 -23.70
CA ALA C 30 2.20 -25.61 -22.63
C ALA C 30 2.78 -24.22 -22.92
N SER C 31 3.23 -24.01 -24.17
CA SER C 31 3.84 -22.73 -24.54
C SER C 31 2.82 -21.60 -24.55
N GLU C 32 1.63 -21.86 -25.10
CA GLU C 32 0.55 -20.87 -25.07
C GLU C 32 0.16 -20.50 -23.64
N LEU C 33 0.11 -21.52 -22.77
CA LEU C 33 -0.13 -21.34 -21.34
C LEU C 33 0.97 -20.48 -20.71
N ALA C 34 2.22 -20.90 -20.90
CA ALA C 34 3.37 -20.20 -20.33
C ALA C 34 3.47 -18.75 -20.81
N THR C 35 3.16 -18.51 -22.08
CA THR C 35 3.27 -17.17 -22.68
C THR C 35 2.32 -16.17 -22.03
N VAL C 36 1.05 -16.55 -21.87
CA VAL C 36 0.05 -15.68 -21.25
C VAL C 36 0.39 -15.46 -19.78
N MET C 37 0.69 -16.54 -19.06
CA MET C 37 1.05 -16.45 -17.64
C MET C 37 2.25 -15.52 -17.46
N ARG C 38 3.28 -15.72 -18.27
CA ARG C 38 4.46 -14.85 -18.26
C ARG C 38 4.13 -13.37 -18.50
N SER C 39 3.31 -13.11 -19.51
CA SER C 39 2.92 -11.75 -19.87
C SER C 39 2.20 -11.02 -18.72
N LEU C 40 1.63 -11.80 -17.81
CA LEU C 40 0.88 -11.23 -16.67
C LEU C 40 1.71 -11.14 -15.38
N GLY C 41 2.99 -11.48 -15.47
CA GLY C 41 3.88 -11.42 -14.30
C GLY C 41 3.66 -12.57 -13.34
N LEU C 42 3.12 -13.67 -13.85
CA LEU C 42 2.94 -14.88 -13.06
C LEU C 42 3.94 -15.92 -13.55
N SER C 43 5.21 -15.54 -13.56
CA SER C 43 6.30 -16.31 -14.16
C SER C 43 6.28 -17.80 -13.79
N PRO C 44 5.80 -18.65 -14.72
CA PRO C 44 5.67 -20.07 -14.43
C PRO C 44 7.00 -20.79 -14.57
N SER C 45 7.30 -21.66 -13.60
CA SER C 45 8.46 -22.52 -13.65
C SER C 45 8.22 -23.62 -14.68
N GLU C 46 9.28 -24.22 -15.19
CA GLU C 46 9.17 -25.32 -16.15
C GLU C 46 8.49 -26.53 -15.51
N ALA C 47 8.81 -26.78 -14.25
CA ALA C 47 8.18 -27.84 -13.45
C ALA C 47 6.72 -27.51 -13.13
N GLU C 48 6.44 -26.22 -12.91
CA GLU C 48 5.08 -25.75 -12.66
C GLU C 48 4.17 -25.99 -13.88
N VAL C 49 4.67 -25.64 -15.06
CA VAL C 49 3.94 -25.86 -16.33
C VAL C 49 3.57 -27.34 -16.52
N ALA C 50 4.56 -28.22 -16.33
CA ALA C 50 4.37 -29.67 -16.43
C ALA C 50 3.35 -30.19 -15.39
N ASP C 51 3.46 -29.69 -14.17
CA ASP C 51 2.55 -30.04 -13.09
C ASP C 51 1.12 -29.66 -13.45
N LEU C 52 0.96 -28.47 -14.02
CA LEU C 52 -0.34 -27.95 -14.46
C LEU C 52 -0.93 -28.76 -15.60
N MET C 53 -0.08 -29.20 -16.53
CA MET C 53 -0.52 -30.03 -17.65
C MET C 53 -1.06 -31.37 -17.17
N ASN C 54 -0.38 -31.96 -16.19
CA ASN C 54 -0.79 -33.20 -15.56
C ASN C 54 -2.11 -33.06 -14.80
N GLU C 55 -2.26 -31.95 -14.07
CA GLU C 55 -3.47 -31.71 -13.28
C GLU C 55 -4.69 -31.43 -14.16
N ILE C 56 -4.52 -30.58 -15.16
CA ILE C 56 -5.65 -30.03 -15.93
C ILE C 56 -5.98 -30.88 -17.18
N ASP C 57 -4.96 -31.28 -17.93
CA ASP C 57 -5.21 -32.13 -19.10
C ASP C 57 -5.19 -33.59 -18.70
N VAL C 58 -6.30 -34.02 -18.12
CA VAL C 58 -6.47 -35.42 -17.75
C VAL C 58 -6.57 -36.33 -18.97
N ASP C 59 -6.93 -35.75 -20.13
CA ASP C 59 -6.94 -36.51 -21.38
C ASP C 59 -5.55 -37.10 -21.67
N GLY C 60 -4.52 -36.39 -21.20
CA GLY C 60 -3.13 -36.85 -21.34
C GLY C 60 -2.48 -36.51 -22.68
N ASN C 61 -2.92 -35.42 -23.31
CA ASN C 61 -2.38 -35.00 -24.60
C ASN C 61 -1.45 -33.80 -24.50
N HIS C 62 -1.08 -33.45 -23.26
CA HIS C 62 -0.30 -32.24 -22.98
C HIS C 62 -0.86 -31.00 -23.69
N ALA C 63 -2.19 -30.91 -23.72
CA ALA C 63 -2.90 -29.80 -24.34
C ALA C 63 -4.28 -29.66 -23.70
N ILE C 64 -4.58 -28.48 -23.19
CA ILE C 64 -5.81 -28.26 -22.46
C ILE C 64 -6.98 -28.06 -23.42
N GLU C 65 -7.97 -28.96 -23.36
CA GLU C 65 -9.17 -28.81 -24.20
C GLU C 65 -10.18 -27.90 -23.51
N PHE C 66 -11.13 -27.38 -24.28
CA PHE C 66 -12.12 -26.45 -23.74
C PHE C 66 -12.87 -27.03 -22.54
N SER C 67 -13.17 -28.32 -22.62
CA SER C 67 -13.87 -29.06 -21.56
C SER C 67 -13.12 -28.99 -20.24
N GLU C 68 -11.81 -29.19 -20.30
CA GLU C 68 -10.94 -29.17 -19.13
C GLU C 68 -10.76 -27.75 -18.60
N PHE C 69 -10.73 -26.78 -19.52
CA PHE C 69 -10.72 -25.36 -19.16
C PHE C 69 -11.97 -25.00 -18.36
N LEU C 70 -13.12 -25.54 -18.76
CA LEU C 70 -14.38 -25.35 -18.02
C LEU C 70 -14.31 -25.96 -16.62
N ALA C 71 -13.72 -27.15 -16.51
CA ALA C 71 -13.61 -27.81 -15.21
C ALA C 71 -12.68 -27.01 -14.30
N LEU C 72 -11.61 -26.44 -14.88
CA LEU C 72 -10.66 -25.60 -14.15
C LEU C 72 -11.34 -24.37 -13.54
N MET C 73 -12.31 -23.82 -14.27
CA MET C 73 -12.92 -22.55 -13.93
C MET C 73 -14.30 -22.68 -13.29
N SER C 74 -14.77 -23.92 -13.15
CA SER C 74 -16.14 -24.15 -12.68
C SER C 74 -16.33 -23.77 -11.20
N ARG C 75 -15.32 -24.05 -10.37
CA ARG C 75 -15.38 -23.71 -8.95
C ARG C 75 -15.57 -22.19 -8.74
N GLN C 76 -14.93 -21.38 -9.57
CA GLN C 76 -15.12 -19.93 -9.51
C GLN C 76 -16.57 -19.50 -9.69
N LEU C 77 -17.33 -20.26 -10.49
CA LEU C 77 -18.76 -20.01 -10.73
C LEU C 77 -19.61 -20.40 -9.53
N LYS C 78 -19.37 -21.59 -9.00
CA LYS C 78 -20.03 -22.03 -7.77
C LYS C 78 -19.76 -21.05 -6.62
N CYS C 79 -18.54 -20.52 -6.58
CA CYS C 79 -18.08 -19.69 -5.46
C CYS C 79 -18.38 -18.18 -5.59
N ASN C 80 -19.03 -17.78 -6.68
CA ASN C 80 -19.28 -16.35 -6.90
C ASN C 80 -20.10 -15.66 -5.80
N ASP C 81 -21.20 -16.29 -5.38
CA ASP C 81 -22.01 -15.76 -4.28
C ASP C 81 -21.15 -15.56 -3.02
N SER C 82 -20.35 -16.57 -2.69
CA SER C 82 -19.51 -16.53 -1.50
C SER C 82 -18.50 -15.38 -1.58
N GLU C 83 -18.03 -15.12 -2.80
CA GLU C 83 -17.11 -14.03 -3.04
C GLU C 83 -17.79 -12.69 -2.81
N GLN C 84 -18.99 -12.52 -3.35
CA GLN C 84 -19.71 -11.25 -3.20
C GLN C 84 -20.11 -11.01 -1.75
N GLU C 85 -20.48 -12.09 -1.04
CA GLU C 85 -20.74 -12.02 0.40
C GLU C 85 -19.50 -11.62 1.19
N LEU C 86 -18.35 -12.24 0.88
CA LEU C 86 -17.09 -11.88 1.53
C LEU C 86 -16.77 -10.38 1.40
N LEU C 87 -16.89 -9.86 0.19
CA LEU C 87 -16.58 -8.44 -0.07
C LEU C 87 -17.53 -7.52 0.68
N GLU C 88 -18.80 -7.90 0.75
CA GLU C 88 -19.79 -7.10 1.45
C GLU C 88 -19.60 -7.18 2.96
N ALA C 89 -19.25 -8.37 3.46
CA ALA C 89 -18.96 -8.52 4.87
C ALA C 89 -17.77 -7.64 5.28
N PHE C 90 -16.75 -7.55 4.42
CA PHE C 90 -15.58 -6.70 4.68
C PHE C 90 -15.99 -5.22 4.79
N LYS C 91 -16.80 -4.74 3.85
CA LYS C 91 -17.37 -3.38 3.89
C LYS C 91 -18.18 -3.05 5.14
N VAL C 92 -18.91 -4.02 5.68
CA VAL C 92 -19.61 -3.86 6.96
C VAL C 92 -18.63 -3.44 8.06
N PHE C 93 -17.48 -4.10 8.14
CA PHE C 93 -16.40 -3.66 9.06
C PHE C 93 -15.79 -2.32 8.60
N ASP C 94 -15.38 -2.29 7.33
CA ASP C 94 -14.62 -1.19 6.72
C ASP C 94 -15.50 0.04 6.41
N LYS C 95 -16.04 0.65 7.46
CA LYS C 95 -16.98 1.77 7.35
C LYS C 95 -16.47 2.97 6.53
N ASN C 96 -15.20 3.31 6.68
CA ASN C 96 -14.64 4.45 5.95
C ASN C 96 -14.15 4.08 4.54
N GLY C 97 -14.25 2.80 4.19
CA GLY C 97 -13.94 2.32 2.84
C GLY C 97 -12.51 2.55 2.38
N ASP C 98 -11.56 2.55 3.31
CA ASP C 98 -10.14 2.72 2.95
C ASP C 98 -9.43 1.38 2.71
N GLY C 99 -10.20 0.29 2.67
CA GLY C 99 -9.62 -1.04 2.43
C GLY C 99 -8.88 -1.68 3.60
N LEU C 100 -9.00 -1.10 4.79
CA LEU C 100 -8.47 -1.74 6.00
C LEU C 100 -9.50 -1.74 7.12
N ILE C 101 -9.51 -2.80 7.92
CA ILE C 101 -10.32 -2.83 9.12
C ILE C 101 -9.47 -2.43 10.30
N SER C 102 -9.78 -1.28 10.91
CA SER C 102 -9.04 -0.77 12.08
C SER C 102 -9.67 -1.21 13.40
N ALA C 103 -8.96 -0.93 14.50
CA ALA C 103 -9.46 -1.19 15.84
C ALA C 103 -10.77 -0.46 16.11
N ALA C 104 -10.87 0.80 15.66
CA ALA C 104 -12.12 1.57 15.80
C ALA C 104 -13.29 0.85 15.14
N GLU C 105 -13.06 0.36 13.93
CA GLU C 105 -14.13 -0.28 13.15
C GLU C 105 -14.54 -1.62 13.73
N LEU C 106 -13.58 -2.40 14.19
CA LEU C 106 -13.88 -3.63 14.91
C LEU C 106 -14.68 -3.34 16.19
N LYS C 107 -14.26 -2.31 16.93
CA LYS C 107 -14.99 -1.91 18.14
C LYS C 107 -16.44 -1.50 17.84
N HIS C 108 -16.65 -0.85 16.72
CA HIS C 108 -17.99 -0.39 16.33
C HIS C 108 -18.90 -1.56 16.01
N VAL C 109 -18.37 -2.58 15.33
CA VAL C 109 -19.11 -3.80 15.04
C VAL C 109 -19.42 -4.56 16.35
N LEU C 110 -18.42 -4.70 17.22
CA LEU C 110 -18.61 -5.36 18.50
C LEU C 110 -19.68 -4.69 19.36
N THR C 111 -19.67 -3.35 19.36
CA THR C 111 -20.67 -2.56 20.08
C THR C 111 -22.06 -2.79 19.48
N SER C 112 -22.13 -2.78 18.15
CA SER C 112 -23.38 -3.03 17.42
C SER C 112 -24.04 -4.36 17.79
N ILE C 113 -23.23 -5.38 18.04
CA ILE C 113 -23.76 -6.70 18.38
C ILE C 113 -23.79 -6.97 19.90
N GLY C 114 -23.57 -5.92 20.69
CA GLY C 114 -23.69 -6.02 22.15
C GLY C 114 -22.51 -6.69 22.84
N GLU C 115 -21.36 -6.72 22.21
CA GLU C 115 -20.19 -7.36 22.80
C GLU C 115 -19.22 -6.31 23.35
N LYS C 116 -18.89 -6.42 24.64
CA LYS C 116 -18.04 -5.45 25.32
C LYS C 116 -16.67 -6.04 25.67
N LEU C 117 -15.66 -5.74 24.84
CA LEU C 117 -14.31 -6.24 25.08
C LEU C 117 -13.39 -5.13 25.57
N THR C 118 -12.30 -5.49 26.24
CA THR C 118 -11.31 -4.51 26.65
C THR C 118 -10.45 -4.12 25.46
N ASP C 119 -9.69 -3.04 25.60
CA ASP C 119 -8.76 -2.62 24.56
C ASP C 119 -7.68 -3.66 24.27
N ALA C 120 -7.15 -4.31 25.32
CA ALA C 120 -6.13 -5.35 25.13
C ALA C 120 -6.70 -6.52 24.34
N GLU C 121 -7.95 -6.90 24.64
CA GLU C 121 -8.62 -7.98 23.94
C GLU C 121 -8.87 -7.68 22.46
N VAL C 122 -9.36 -6.48 22.16
CA VAL C 122 -9.55 -6.02 20.77
C VAL C 122 -8.19 -6.02 20.04
N ASP C 123 -7.17 -5.45 20.67
CA ASP C 123 -5.84 -5.36 20.05
C ASP C 123 -5.24 -6.74 19.75
N GLU C 124 -5.38 -7.69 20.68
CA GLU C 124 -4.98 -9.07 20.47
C GLU C 124 -5.77 -9.78 19.34
N MET C 125 -7.07 -9.55 19.29
CA MET C 125 -7.92 -10.11 18.22
C MET C 125 -7.39 -9.75 16.85
N LEU C 126 -7.06 -8.47 16.69
CA LEU C 126 -6.53 -7.95 15.43
C LEU C 126 -5.11 -8.43 15.15
N ARG C 127 -4.26 -8.36 16.17
CA ARG C 127 -2.85 -8.73 16.03
C ARG C 127 -2.68 -10.18 15.57
N GLU C 128 -3.52 -11.05 16.13
CA GLU C 128 -3.62 -12.47 15.82
C GLU C 128 -3.78 -12.78 14.33
N VAL C 129 -4.38 -11.86 13.59
CA VAL C 129 -4.72 -12.12 12.19
C VAL C 129 -4.11 -11.12 11.20
N SER C 130 -3.30 -10.20 11.71
CA SER C 130 -2.68 -9.17 10.88
C SER C 130 -1.16 -9.39 10.77
N ASP C 131 -0.45 -8.41 10.19
CA ASP C 131 0.99 -8.51 9.99
C ASP C 131 1.78 -7.55 10.87
N GLY C 132 1.24 -7.23 12.05
CA GLY C 132 1.88 -6.24 12.91
C GLY C 132 1.56 -4.81 12.50
N SER C 133 0.69 -4.66 11.49
CA SER C 133 0.09 -3.36 11.20
C SER C 133 -1.05 -3.16 12.20
N GLY C 134 -1.43 -4.26 12.87
CA GLY C 134 -2.57 -4.29 13.78
C GLY C 134 -3.91 -4.13 13.08
N GLU C 135 -3.90 -4.25 11.75
CA GLU C 135 -5.09 -4.00 10.94
C GLU C 135 -5.23 -5.03 9.83
N ILE C 136 -6.44 -5.14 9.28
CA ILE C 136 -6.80 -6.25 8.41
C ILE C 136 -7.21 -5.75 7.04
N ASN C 137 -6.51 -6.23 6.00
CA ASN C 137 -6.94 -6.02 4.62
C ASN C 137 -7.79 -7.19 4.11
N ILE C 138 -8.29 -7.06 2.89
CA ILE C 138 -9.18 -8.08 2.31
C ILE C 138 -8.50 -9.45 2.15
N LYS C 139 -7.23 -9.45 1.75
CA LYS C 139 -6.44 -10.68 1.63
C LYS C 139 -6.35 -11.38 2.99
N GLN C 140 -6.01 -10.60 4.02
CA GLN C 140 -5.94 -11.13 5.40
C GLN C 140 -7.32 -11.55 5.94
N PHE C 141 -8.36 -10.80 5.57
CA PHE C 141 -9.76 -11.14 5.91
C PHE C 141 -10.13 -12.51 5.35
N ALA C 142 -9.92 -12.70 4.04
CA ALA C 142 -10.11 -14.01 3.42
C ALA C 142 -9.19 -15.08 4.03
N ALA C 143 -7.92 -14.72 4.30
CA ALA C 143 -6.95 -15.69 4.84
C ALA C 143 -7.35 -16.19 6.23
N LEU C 144 -7.80 -15.29 7.09
CA LEU C 144 -8.15 -15.68 8.47
C LEU C 144 -9.34 -16.65 8.51
N LEU C 145 -10.16 -16.61 7.45
CA LEU C 145 -11.31 -17.52 7.35
C LEU C 145 -10.90 -18.91 6.82
N SER C 146 -9.62 -19.09 6.52
CA SER C 146 -9.12 -20.42 6.17
C SER C 146 -8.38 -21.08 7.36
N LYS C 147 -7.81 -20.24 8.21
CA LYS C 147 -7.13 -20.69 9.42
C LYS C 147 -8.14 -21.13 10.48
N LEU D 5 -17.08 -30.08 6.27
CA LEU D 5 -16.49 -29.20 7.33
C LEU D 5 -15.82 -30.03 8.42
N THR D 6 -14.80 -29.45 9.05
CA THR D 6 -14.08 -30.08 10.15
C THR D 6 -14.75 -29.76 11.49
N GLU D 7 -14.34 -30.48 12.53
CA GLU D 7 -14.79 -30.23 13.89
C GLU D 7 -14.52 -28.79 14.34
N GLU D 8 -13.27 -28.32 14.13
CA GLU D 8 -12.88 -26.96 14.47
C GLU D 8 -13.77 -25.93 13.77
N GLN D 9 -14.07 -26.17 12.50
CA GLN D 9 -14.95 -25.28 11.74
C GLN D 9 -16.36 -25.24 12.32
N ILE D 10 -16.87 -26.41 12.73
CA ILE D 10 -18.19 -26.51 13.36
C ILE D 10 -18.21 -25.73 14.68
N ALA D 11 -17.18 -25.94 15.50
CA ALA D 11 -17.02 -25.21 16.77
C ALA D 11 -16.92 -23.69 16.58
N GLU D 12 -16.22 -23.27 15.52
CA GLU D 12 -16.10 -21.85 15.22
C GLU D 12 -17.45 -21.25 14.82
N PHE D 13 -18.22 -21.98 14.02
CA PHE D 13 -19.57 -21.54 13.64
C PHE D 13 -20.52 -21.49 14.83
N LYS D 14 -20.34 -22.42 15.77
CA LYS D 14 -21.17 -22.47 16.96
C LYS D 14 -21.02 -21.22 17.81
N GLU D 15 -19.78 -20.76 17.94
CA GLU D 15 -19.50 -19.48 18.61
C GLU D 15 -20.20 -18.30 17.93
N ALA D 16 -20.18 -18.27 16.60
CA ALA D 16 -20.85 -17.21 15.85
C ALA D 16 -22.37 -17.30 16.07
N PHE D 17 -22.89 -18.53 16.06
CA PHE D 17 -24.31 -18.79 16.27
C PHE D 17 -24.75 -18.27 17.65
N ALA D 18 -23.96 -18.58 18.67
CA ALA D 18 -24.20 -18.09 20.03
C ALA D 18 -24.29 -16.56 20.13
N LEU D 19 -23.51 -15.83 19.32
CA LEU D 19 -23.65 -14.36 19.27
C LEU D 19 -25.02 -13.85 18.81
N PHE D 20 -25.71 -14.59 17.93
CA PHE D 20 -27.11 -14.24 17.57
C PHE D 20 -28.10 -14.58 18.68
N ASP D 21 -27.81 -15.66 19.40
CA ASP D 21 -28.70 -16.21 20.43
C ASP D 21 -28.57 -15.42 21.73
N LYS D 22 -29.20 -14.25 21.76
CA LYS D 22 -29.05 -13.28 22.86
C LYS D 22 -29.54 -13.78 24.22
N ASP D 23 -30.58 -14.60 24.23
CA ASP D 23 -31.10 -15.13 25.50
C ASP D 23 -30.61 -16.55 25.79
N ASN D 24 -29.66 -17.03 25.01
CA ASN D 24 -29.07 -18.37 25.20
C ASN D 24 -30.10 -19.50 25.27
N SER D 25 -31.13 -19.41 24.43
CA SER D 25 -32.18 -20.42 24.40
C SER D 25 -31.81 -21.61 23.50
N GLY D 26 -30.73 -21.47 22.74
CA GLY D 26 -30.27 -22.55 21.88
C GLY D 26 -30.76 -22.45 20.45
N SER D 27 -31.44 -21.36 20.12
CA SER D 27 -31.88 -21.07 18.76
C SER D 27 -31.95 -19.56 18.50
N ILE D 28 -32.05 -19.19 17.23
CA ILE D 28 -32.16 -17.80 16.82
C ILE D 28 -33.60 -17.49 16.43
N SER D 29 -34.22 -16.54 17.13
CA SER D 29 -35.58 -16.11 16.81
C SER D 29 -35.61 -15.07 15.69
N ALA D 30 -36.81 -14.77 15.18
CA ALA D 30 -36.99 -13.73 14.17
C ALA D 30 -36.52 -12.37 14.71
N SER D 31 -36.77 -12.10 15.99
CA SER D 31 -36.36 -10.84 16.58
C SER D 31 -34.83 -10.75 16.77
N GLU D 32 -34.20 -11.84 17.18
CA GLU D 32 -32.73 -11.87 17.26
C GLU D 32 -32.09 -11.63 15.90
N LEU D 33 -32.63 -12.29 14.88
CA LEU D 33 -32.14 -12.15 13.53
C LEU D 33 -32.30 -10.72 13.03
N ALA D 34 -33.51 -10.18 13.16
CA ALA D 34 -33.79 -8.82 12.71
C ALA D 34 -32.88 -7.81 13.42
N THR D 35 -32.74 -7.95 14.74
CA THR D 35 -31.93 -7.04 15.55
C THR D 35 -30.45 -7.00 15.11
N VAL D 36 -29.80 -8.15 15.01
CA VAL D 36 -28.39 -8.21 14.65
C VAL D 36 -28.17 -7.68 13.23
N MET D 37 -29.00 -8.14 12.28
CA MET D 37 -28.88 -7.65 10.90
C MET D 37 -29.06 -6.13 10.86
N ARG D 38 -30.04 -5.62 11.60
CA ARG D 38 -30.27 -4.17 11.62
C ARG D 38 -29.10 -3.39 12.25
N SER D 39 -28.60 -3.87 13.39
CA SER D 39 -27.47 -3.25 14.07
C SER D 39 -26.19 -3.19 13.20
N LEU D 40 -26.11 -4.06 12.20
CA LEU D 40 -24.99 -4.06 11.27
C LEU D 40 -25.22 -3.18 10.04
N GLY D 41 -26.38 -2.54 9.97
CA GLY D 41 -26.69 -1.60 8.87
C GLY D 41 -27.24 -2.29 7.64
N LEU D 42 -27.80 -3.49 7.79
CA LEU D 42 -28.30 -4.23 6.64
C LEU D 42 -29.79 -4.01 6.37
N SER D 43 -30.45 -3.25 7.23
CA SER D 43 -31.87 -2.90 7.05
C SER D 43 -32.74 -3.98 6.37
N PRO D 44 -32.89 -5.16 7.01
CA PRO D 44 -33.81 -6.13 6.42
C PRO D 44 -35.26 -5.69 6.66
N SER D 45 -36.13 -5.91 5.67
CA SER D 45 -37.56 -5.64 5.84
C SER D 45 -38.21 -6.78 6.61
N GLU D 46 -39.42 -6.58 7.12
CA GLU D 46 -40.13 -7.65 7.81
C GLU D 46 -40.33 -8.88 6.90
N ALA D 47 -40.77 -8.61 5.66
CA ALA D 47 -41.02 -9.67 4.66
C ALA D 47 -39.77 -10.51 4.43
N GLU D 48 -38.62 -9.86 4.37
CA GLU D 48 -37.33 -10.54 4.22
C GLU D 48 -37.00 -11.43 5.42
N VAL D 49 -37.17 -10.89 6.62
CA VAL D 49 -36.96 -11.64 7.85
C VAL D 49 -37.91 -12.83 7.93
N ALA D 50 -39.20 -12.60 7.68
CA ALA D 50 -40.18 -13.69 7.71
C ALA D 50 -39.83 -14.76 6.69
N ASP D 51 -39.38 -14.32 5.50
CA ASP D 51 -38.95 -15.24 4.44
C ASP D 51 -37.77 -16.11 4.89
N LEU D 52 -36.76 -15.46 5.48
CA LEU D 52 -35.57 -16.16 5.99
C LEU D 52 -35.91 -17.20 7.05
N MET D 53 -36.77 -16.83 8.02
CA MET D 53 -37.19 -17.76 9.06
C MET D 53 -37.89 -18.99 8.46
N ASN D 54 -38.75 -18.75 7.48
CA ASN D 54 -39.49 -19.82 6.81
C ASN D 54 -38.57 -20.75 6.00
N GLU D 55 -37.61 -20.16 5.31
CA GLU D 55 -36.68 -20.92 4.49
C GLU D 55 -35.68 -21.76 5.30
N ILE D 56 -35.03 -21.13 6.29
CA ILE D 56 -33.94 -21.74 7.04
C ILE D 56 -34.39 -22.76 8.08
N ASP D 57 -35.50 -22.51 8.77
CA ASP D 57 -35.95 -23.45 9.78
C ASP D 57 -36.84 -24.55 9.22
N VAL D 58 -36.21 -25.63 8.76
CA VAL D 58 -36.92 -26.81 8.26
C VAL D 58 -37.64 -27.60 9.37
N ASP D 59 -37.25 -27.37 10.62
CA ASP D 59 -37.92 -27.99 11.77
C ASP D 59 -39.38 -27.49 11.84
N GLY D 60 -39.58 -26.25 11.38
CA GLY D 60 -40.90 -25.64 11.36
C GLY D 60 -41.30 -24.99 12.68
N ASN D 61 -40.36 -24.96 13.63
CA ASN D 61 -40.63 -24.42 14.97
C ASN D 61 -40.20 -22.96 15.17
N HIS D 62 -40.17 -22.21 14.07
CA HIS D 62 -40.05 -20.74 14.06
C HIS D 62 -38.78 -20.19 14.74
N ALA D 63 -37.69 -20.94 14.65
CA ALA D 63 -36.40 -20.53 15.20
C ALA D 63 -35.27 -21.27 14.48
N ILE D 64 -34.16 -20.58 14.25
CA ILE D 64 -33.04 -21.21 13.57
C ILE D 64 -32.18 -21.98 14.57
N GLU D 65 -32.12 -23.30 14.39
CA GLU D 65 -31.22 -24.17 15.15
C GLU D 65 -29.82 -24.18 14.56
N PHE D 66 -28.84 -24.62 15.34
CA PHE D 66 -27.46 -24.57 14.89
C PHE D 66 -27.19 -25.37 13.61
N SER D 67 -27.80 -26.55 13.47
CA SER D 67 -27.59 -27.35 12.26
C SER D 67 -28.08 -26.62 11.00
N GLU D 68 -29.16 -25.87 11.16
CA GLU D 68 -29.72 -25.09 10.05
C GLU D 68 -28.83 -23.92 9.68
N PHE D 69 -28.30 -23.25 10.71
CA PHE D 69 -27.29 -22.19 10.56
C PHE D 69 -26.03 -22.73 9.85
N LEU D 70 -25.60 -23.91 10.27
CA LEU D 70 -24.45 -24.59 9.69
C LEU D 70 -24.61 -24.85 8.19
N ALA D 71 -25.80 -25.32 7.80
CA ALA D 71 -26.11 -25.59 6.40
C ALA D 71 -26.16 -24.32 5.56
N LEU D 72 -26.65 -23.24 6.16
CA LEU D 72 -26.62 -21.92 5.53
C LEU D 72 -25.21 -21.48 5.16
N MET D 73 -24.26 -21.73 6.08
CA MET D 73 -22.94 -21.13 6.06
C MET D 73 -21.82 -21.99 5.49
N SER D 74 -22.13 -23.26 5.18
CA SER D 74 -21.09 -24.23 4.85
C SER D 74 -20.31 -23.96 3.56
N ARG D 75 -20.97 -23.39 2.56
CA ARG D 75 -20.31 -23.08 1.28
C ARG D 75 -19.19 -22.04 1.40
N GLN D 76 -19.38 -21.04 2.25
CA GLN D 76 -18.43 -19.93 2.40
C GLN D 76 -16.98 -20.34 2.65
N LEU D 77 -16.75 -21.09 3.73
CA LEU D 77 -15.41 -21.51 4.10
C LEU D 77 -14.80 -22.47 3.08
N LYS D 78 -15.67 -23.23 2.40
CA LYS D 78 -15.23 -24.13 1.32
C LYS D 78 -14.82 -23.37 0.06
N CYS D 79 -15.30 -22.14 -0.06
CA CYS D 79 -14.99 -21.30 -1.22
C CYS D 79 -13.82 -20.37 -0.97
N ASN D 80 -13.09 -20.61 0.12
CA ASN D 80 -11.98 -19.75 0.48
C ASN D 80 -10.89 -19.63 -0.60
N ASP D 81 -10.49 -20.76 -1.18
CA ASP D 81 -9.49 -20.79 -2.27
C ASP D 81 -9.89 -19.91 -3.48
N SER D 82 -11.15 -20.00 -3.91
CA SER D 82 -11.64 -19.15 -5.01
C SER D 82 -11.62 -17.65 -4.66
N GLU D 83 -11.90 -17.35 -3.38
CA GLU D 83 -11.88 -15.97 -2.93
C GLU D 83 -10.46 -15.42 -3.00
N GLN D 84 -9.47 -16.22 -2.61
CA GLN D 84 -8.07 -15.81 -2.69
C GLN D 84 -7.60 -15.58 -4.12
N GLU D 85 -8.04 -16.46 -5.03
CA GLU D 85 -7.77 -16.33 -6.46
C GLU D 85 -8.35 -15.05 -7.02
N LEU D 86 -9.58 -14.74 -6.64
CA LEU D 86 -10.23 -13.52 -7.08
C LEU D 86 -9.47 -12.25 -6.65
N LEU D 87 -8.98 -12.25 -5.40
CA LEU D 87 -8.29 -11.06 -4.88
C LEU D 87 -6.97 -10.84 -5.60
N GLU D 88 -6.23 -11.93 -5.81
CA GLU D 88 -4.98 -11.92 -6.56
C GLU D 88 -5.20 -11.50 -8.02
N ALA D 89 -6.30 -11.95 -8.60
CA ALA D 89 -6.65 -11.57 -9.98
C ALA D 89 -6.94 -10.08 -10.05
N PHE D 90 -7.65 -9.55 -9.06
CA PHE D 90 -7.91 -8.11 -9.01
C PHE D 90 -6.59 -7.31 -8.94
N LYS D 91 -5.68 -7.78 -8.11
CA LYS D 91 -4.35 -7.18 -7.93
C LYS D 91 -3.51 -7.14 -9.22
N VAL D 92 -3.74 -8.08 -10.13
CA VAL D 92 -3.05 -8.08 -11.43
C VAL D 92 -3.44 -6.85 -12.25
N PHE D 93 -4.73 -6.49 -12.24
CA PHE D 93 -5.16 -5.21 -12.81
C PHE D 93 -4.74 -4.03 -11.91
N ASP D 94 -5.05 -4.13 -10.62
CA ASP D 94 -4.84 -3.03 -9.66
C ASP D 94 -3.37 -2.88 -9.22
N LYS D 95 -2.53 -2.45 -10.16
CA LYS D 95 -1.07 -2.40 -9.98
C LYS D 95 -0.58 -1.49 -8.84
N ASN D 96 -1.18 -0.31 -8.71
CA ASN D 96 -0.78 0.64 -7.66
C ASN D 96 -1.42 0.35 -6.30
N GLY D 97 -2.46 -0.50 -6.29
CA GLY D 97 -3.03 -1.01 -5.04
C GLY D 97 -3.98 -0.10 -4.29
N ASP D 98 -4.57 0.88 -4.97
CA ASP D 98 -5.55 1.77 -4.34
C ASP D 98 -6.97 1.18 -4.26
N GLY D 99 -7.15 -0.03 -4.81
CA GLY D 99 -8.45 -0.69 -4.80
C GLY D 99 -9.35 -0.37 -5.98
N LEU D 100 -8.81 0.31 -6.99
CA LEU D 100 -9.59 0.67 -8.17
C LEU D 100 -8.85 0.33 -9.45
N ILE D 101 -9.52 -0.29 -10.41
CA ILE D 101 -8.92 -0.50 -11.73
C ILE D 101 -9.22 0.72 -12.61
N SER D 102 -8.17 1.43 -12.99
CA SER D 102 -8.32 2.58 -13.89
C SER D 102 -8.26 2.16 -15.35
N ALA D 103 -8.63 3.07 -16.24
CA ALA D 103 -8.49 2.85 -17.68
C ALA D 103 -7.05 2.51 -18.05
N ALA D 104 -6.10 3.20 -17.41
CA ALA D 104 -4.67 3.00 -17.70
C ALA D 104 -4.21 1.61 -17.28
N GLU D 105 -4.68 1.15 -16.13
CA GLU D 105 -4.32 -0.18 -15.64
C GLU D 105 -4.89 -1.29 -16.50
N LEU D 106 -6.12 -1.09 -16.96
CA LEU D 106 -6.78 -2.06 -17.85
C LEU D 106 -6.03 -2.15 -19.17
N LYS D 107 -5.64 -1.00 -19.71
CA LYS D 107 -4.91 -0.95 -20.98
C LYS D 107 -3.55 -1.64 -20.87
N HIS D 108 -2.87 -1.51 -19.72
CA HIS D 108 -1.61 -2.19 -19.48
C HIS D 108 -1.77 -3.73 -19.44
N VAL D 109 -2.91 -4.22 -18.96
CA VAL D 109 -3.17 -5.67 -18.99
C VAL D 109 -3.46 -6.11 -20.43
N LEU D 110 -4.38 -5.41 -21.09
CA LEU D 110 -4.72 -5.70 -22.49
C LEU D 110 -3.46 -5.76 -23.37
N THR D 111 -2.61 -4.75 -23.24
CA THR D 111 -1.36 -4.66 -24.00
C THR D 111 -0.44 -5.86 -23.70
N SER D 112 -0.34 -6.24 -22.42
CA SER D 112 0.52 -7.35 -21.98
C SER D 112 0.17 -8.69 -22.62
N ILE D 113 -1.13 -8.94 -22.79
CA ILE D 113 -1.60 -10.18 -23.40
C ILE D 113 -1.78 -10.08 -24.91
N GLY D 114 -1.37 -8.94 -25.49
CA GLY D 114 -1.34 -8.76 -26.94
C GLY D 114 -2.61 -8.23 -27.58
N GLU D 115 -3.41 -7.51 -26.80
CA GLU D 115 -4.66 -6.90 -27.29
C GLU D 115 -4.50 -5.38 -27.43
N LYS D 116 -4.34 -4.92 -28.67
CA LYS D 116 -4.04 -3.52 -28.97
C LYS D 116 -5.31 -2.69 -29.22
N LEU D 117 -5.86 -2.13 -28.14
CA LEU D 117 -7.10 -1.37 -28.21
C LEU D 117 -6.84 0.13 -28.16
N THR D 118 -7.75 0.90 -28.75
CA THR D 118 -7.72 2.35 -28.63
C THR D 118 -8.19 2.72 -27.23
N ASP D 119 -7.94 3.97 -26.83
CA ASP D 119 -8.33 4.45 -25.52
C ASP D 119 -9.86 4.53 -25.36
N ALA D 120 -10.55 4.83 -26.46
CA ALA D 120 -12.02 4.83 -26.48
C ALA D 120 -12.59 3.41 -26.30
N GLU D 121 -11.91 2.40 -26.85
CA GLU D 121 -12.31 1.01 -26.67
C GLU D 121 -12.07 0.54 -25.24
N VAL D 122 -10.95 0.96 -24.66
CA VAL D 122 -10.66 0.70 -23.25
C VAL D 122 -11.73 1.38 -22.39
N ASP D 123 -12.07 2.63 -22.71
CA ASP D 123 -13.12 3.37 -21.99
C ASP D 123 -14.50 2.70 -22.09
N GLU D 124 -14.86 2.26 -23.29
CA GLU D 124 -16.10 1.50 -23.51
C GLU D 124 -16.13 0.18 -22.69
N MET D 125 -15.03 -0.56 -22.71
CA MET D 125 -14.90 -1.81 -21.95
C MET D 125 -15.13 -1.63 -20.44
N LEU D 126 -14.54 -0.59 -19.90
CA LEU D 126 -14.63 -0.27 -18.49
C LEU D 126 -16.05 0.19 -18.12
N ARG D 127 -16.67 0.95 -19.02
CA ARG D 127 -18.00 1.53 -18.80
C ARG D 127 -19.14 0.51 -18.74
N GLU D 128 -19.03 -0.57 -19.52
CA GLU D 128 -20.06 -1.61 -19.49
C GLU D 128 -20.16 -2.30 -18.13
N VAL D 129 -19.10 -2.22 -17.33
CA VAL D 129 -19.07 -2.89 -16.02
C VAL D 129 -18.98 -1.92 -14.82
N SER D 130 -18.82 -0.64 -15.09
CA SER D 130 -18.53 0.35 -14.05
C SER D 130 -19.75 1.13 -13.55
N ASP D 131 -20.91 0.85 -14.13
CA ASP D 131 -22.17 1.50 -13.77
C ASP D 131 -22.06 3.03 -13.75
N GLY D 132 -21.44 3.59 -14.79
CA GLY D 132 -21.32 5.03 -14.96
C GLY D 132 -20.13 5.69 -14.25
N SER D 133 -19.27 4.87 -13.66
CA SER D 133 -18.06 5.36 -12.98
C SER D 133 -16.82 5.25 -13.88
N GLY D 134 -15.75 5.94 -13.50
CA GLY D 134 -14.49 5.93 -14.25
C GLY D 134 -13.51 4.85 -13.84
N GLU D 135 -13.83 4.12 -12.77
CA GLU D 135 -12.95 3.08 -12.21
C GLU D 135 -13.75 1.81 -11.86
N ILE D 136 -13.06 0.69 -11.71
CA ILE D 136 -13.68 -0.57 -11.29
C ILE D 136 -13.20 -0.97 -9.88
N ASN D 137 -14.14 -1.14 -8.95
CA ASN D 137 -13.82 -1.66 -7.62
C ASN D 137 -13.95 -3.18 -7.54
N ILE D 138 -13.51 -3.75 -6.42
CA ILE D 138 -13.50 -5.20 -6.23
C ILE D 138 -14.92 -5.78 -6.29
N LYS D 139 -15.90 -5.01 -5.80
CA LYS D 139 -17.30 -5.42 -5.81
C LYS D 139 -17.81 -5.57 -7.23
N GLN D 140 -17.48 -4.59 -8.08
CA GLN D 140 -17.86 -4.60 -9.48
C GLN D 140 -17.13 -5.69 -10.24
N PHE D 141 -15.87 -5.93 -9.84
CA PHE D 141 -15.05 -7.01 -10.39
C PHE D 141 -15.67 -8.39 -10.16
N ALA D 142 -16.05 -8.68 -8.90
CA ALA D 142 -16.70 -9.95 -8.59
C ALA D 142 -18.06 -10.06 -9.28
N ALA D 143 -18.81 -8.95 -9.28
CA ALA D 143 -20.18 -8.93 -9.79
C ALA D 143 -20.25 -9.27 -11.27
N LEU D 144 -19.38 -8.68 -12.07
CA LEU D 144 -19.38 -8.92 -13.51
C LEU D 144 -19.13 -10.40 -13.86
N LEU D 145 -18.38 -11.08 -13.00
CA LEU D 145 -18.08 -12.51 -13.18
C LEU D 145 -19.24 -13.45 -12.83
N SER D 146 -20.40 -12.91 -12.49
CA SER D 146 -21.57 -13.73 -12.20
C SER D 146 -22.31 -14.18 -13.47
N LYS D 147 -22.04 -13.47 -14.57
CA LYS D 147 -22.60 -13.79 -15.90
C LYS D 147 -24.13 -13.68 -15.99
N GLU E 7 -9.77 20.11 22.91
CA GLU E 7 -8.47 20.05 22.16
C GLU E 7 -8.40 18.85 21.22
N ARG E 8 -9.57 18.27 20.91
CA ARG E 8 -9.64 17.13 19.97
C ARG E 8 -9.45 17.59 18.52
N ARG E 9 -8.71 18.69 18.38
CA ARG E 9 -8.36 19.27 17.09
C ARG E 9 -6.93 18.89 16.72
N LEU E 10 -6.34 17.96 17.48
CA LEU E 10 -4.97 17.51 17.27
C LEU E 10 -4.84 16.88 15.90
N SER E 11 -3.86 17.36 15.13
CA SER E 11 -3.63 16.86 13.80
C SER E 11 -2.45 15.87 13.76
N PHE E 12 -2.42 15.07 12.70
CA PHE E 12 -1.27 14.23 12.42
C PHE E 12 0.01 15.06 12.25
N LYS E 13 -0.12 16.21 11.60
CA LYS E 13 1.02 17.07 11.29
C LYS E 13 1.72 17.50 12.57
N THR E 14 0.94 17.88 13.56
CA THR E 14 1.45 18.34 14.85
C THR E 14 2.25 17.24 15.53
N VAL E 15 1.68 16.03 15.57
CA VAL E 15 2.38 14.85 16.12
C VAL E 15 3.68 14.56 15.36
N ALA E 16 3.61 14.61 14.02
CA ALA E 16 4.76 14.32 13.18
C ALA E 16 5.87 15.33 13.42
N LEU E 17 5.49 16.61 13.52
CA LEU E 17 6.44 17.67 13.83
C LEU E 17 7.10 17.50 15.19
N LEU E 18 6.31 17.13 16.20
CA LEU E 18 6.86 16.83 17.51
C LEU E 18 7.90 15.70 17.44
N VAL E 19 7.57 14.64 16.71
CA VAL E 19 8.46 13.51 16.52
C VAL E 19 9.73 13.92 15.76
N LEU E 20 9.54 14.71 14.70
CA LEU E 20 10.66 15.19 13.92
C LEU E 20 11.60 16.05 14.76
N ALA E 21 11.03 16.92 15.59
CA ALA E 21 11.81 17.77 16.50
C ALA E 21 12.65 16.92 17.46
N CYS E 22 12.05 15.88 18.02
CA CYS E 22 12.75 14.96 18.91
C CYS E 22 13.91 14.23 18.24
N VAL E 23 13.67 13.70 17.05
CA VAL E 23 14.71 13.04 16.27
C VAL E 23 15.84 14.02 15.96
N ARG E 24 15.48 15.24 15.56
CA ARG E 24 16.49 16.23 15.23
C ARG E 24 17.28 16.65 16.46
N MET E 25 16.62 16.77 17.61
CA MET E 25 17.33 17.16 18.82
C MET E 25 18.30 16.09 19.32
N LYS E 26 17.89 14.82 19.17
CA LYS E 26 18.73 13.69 19.54
C LYS E 26 19.98 13.65 18.64
N ARG E 27 19.76 13.84 17.34
CA ARG E 27 20.86 13.81 16.36
C ARG E 27 21.84 14.97 16.59
N ILE E 28 21.30 16.17 16.83
CA ILE E 28 22.12 17.34 17.15
C ILE E 28 22.98 17.10 18.39
N ALA E 29 22.35 16.63 19.48
CA ALA E 29 23.08 16.31 20.71
C ALA E 29 24.18 15.29 20.45
N PHE E 30 23.85 14.21 19.75
CA PHE E 30 24.79 13.12 19.46
C PHE E 30 26.02 13.58 18.68
N TYR E 31 25.83 14.46 17.70
CA TYR E 31 26.94 14.92 16.88
C TYR E 31 27.70 16.10 17.47
N ARG E 32 27.03 16.87 18.32
CA ARG E 32 27.69 17.92 19.09
C ARG E 32 28.56 17.27 20.16
N ARG E 33 28.13 16.12 20.66
CA ARG E 33 28.95 15.29 21.55
C ARG E 33 30.19 14.73 20.85
N SER E 34 30.06 14.40 19.57
CA SER E 34 31.23 14.04 18.74
C SER E 34 32.16 15.23 18.58
N ASP E 35 31.61 16.38 18.21
CA ASP E 35 32.38 17.61 18.01
C ASP E 35 33.09 18.08 19.29
N ASP E 36 32.41 18.00 20.43
CA ASP E 36 33.02 18.36 21.70
C ASP E 36 34.16 17.40 22.06
N ASN E 37 33.95 16.12 21.77
CA ASN E 37 34.92 15.06 22.03
C ASN E 37 36.18 15.19 21.17
N ARG E 38 36.00 15.41 19.88
CA ARG E 38 37.13 15.53 18.95
C ARG E 38 37.97 16.78 19.21
N LEU E 39 37.31 17.90 19.54
CA LEU E 39 38.02 19.15 19.81
C LEU E 39 38.64 19.23 21.21
N ARG E 40 38.16 18.36 22.11
CA ARG E 40 38.80 18.16 23.42
C ARG E 40 40.15 17.45 23.23
N ILE E 41 40.16 16.40 22.42
CA ILE E 41 41.39 15.71 22.01
C ILE E 41 42.39 16.67 21.34
N LEU E 42 41.90 17.48 20.41
CA LEU E 42 42.73 18.43 19.67
C LEU E 42 43.40 19.43 20.61
N ARG E 43 42.64 19.97 21.56
CA ARG E 43 43.14 20.92 22.57
C ARG E 43 44.27 20.32 23.42
N ASP E 44 44.09 19.06 23.83
CA ASP E 44 45.09 18.33 24.61
C ASP E 44 46.39 18.17 23.84
N ARG E 45 46.27 18.00 22.52
CA ARG E 45 47.43 17.83 21.63
C ARG E 45 48.21 19.14 21.47
N ILE E 46 47.49 20.26 21.35
CA ILE E 46 48.08 21.59 21.25
C ILE E 46 48.83 21.97 22.53
N SER E 50 52.57 22.58 24.76
CA SER E 50 53.64 23.33 24.11
C SER E 50 54.65 23.86 25.12
N GLY E 51 54.18 24.68 26.07
CA GLY E 51 55.04 25.26 27.09
C GLY E 51 54.67 24.86 28.51
N ARG E 52 53.79 23.86 28.63
CA ARG E 52 53.29 23.38 29.92
C ARG E 52 54.36 22.70 30.78
N ILE E 53 53.95 22.22 31.96
CA ILE E 53 54.86 21.62 32.93
C ILE E 53 55.32 20.21 32.52
N SER E 54 54.47 19.51 31.77
CA SER E 54 54.79 18.17 31.20
C SER E 54 54.57 16.98 32.15
N TRP E 55 55.00 17.11 33.39
CA TRP E 55 54.89 16.07 34.43
C TRP E 55 55.50 14.73 34.01
N ARG F 9 35.35 0.87 -9.29
CA ARG F 9 34.95 1.31 -10.66
C ARG F 9 33.70 2.19 -10.59
N LEU F 10 32.75 1.97 -11.50
CA LEU F 10 31.45 2.61 -11.43
C LEU F 10 30.76 2.13 -10.13
N SER F 11 30.34 3.07 -9.29
CA SER F 11 29.73 2.71 -8.01
C SER F 11 28.21 2.94 -8.02
N PHE F 12 27.49 2.27 -7.11
CA PHE F 12 26.07 2.56 -6.93
C PHE F 12 25.87 4.07 -6.69
N LYS F 13 26.72 4.64 -5.84
CA LYS F 13 26.63 6.06 -5.46
C LYS F 13 26.62 6.98 -6.69
N THR F 14 27.52 6.71 -7.63
CA THR F 14 27.59 7.45 -8.89
C THR F 14 26.29 7.38 -9.70
N VAL F 15 25.76 6.18 -9.86
CA VAL F 15 24.47 6.00 -10.54
C VAL F 15 23.34 6.73 -9.79
N ALA F 16 23.31 6.56 -8.47
CA ALA F 16 22.27 7.20 -7.65
C ALA F 16 22.31 8.72 -7.77
N LEU F 17 23.52 9.29 -7.81
CA LEU F 17 23.68 10.73 -7.99
C LEU F 17 23.20 11.22 -9.37
N LEU F 18 23.46 10.45 -10.41
CA LEU F 18 22.93 10.75 -11.74
C LEU F 18 21.39 10.75 -11.72
N VAL F 19 20.82 9.74 -11.06
CA VAL F 19 19.36 9.63 -10.98
C VAL F 19 18.77 10.80 -10.17
N LEU F 20 19.40 11.13 -9.05
CA LEU F 20 18.96 12.23 -8.21
C LEU F 20 18.99 13.55 -8.99
N ALA F 21 20.08 13.75 -9.72
CA ALA F 21 20.26 14.95 -10.54
C ALA F 21 19.14 15.05 -11.58
N CYS F 22 18.83 13.93 -12.24
CA CYS F 22 17.76 13.91 -13.26
C CYS F 22 16.39 14.17 -12.67
N VAL F 23 16.11 13.57 -11.51
CA VAL F 23 14.86 13.78 -10.80
C VAL F 23 14.73 15.26 -10.36
N ARG F 24 15.81 15.81 -9.83
CA ARG F 24 15.81 17.24 -9.46
C ARG F 24 15.51 18.13 -10.69
N MET F 25 16.18 17.87 -11.80
CA MET F 25 15.93 18.66 -13.02
C MET F 25 14.49 18.57 -13.54
N LYS F 26 13.94 17.35 -13.54
CA LYS F 26 12.55 17.13 -13.92
C LYS F 26 11.61 17.97 -13.03
N ARG F 27 11.82 17.91 -11.73
CA ARG F 27 11.04 18.70 -10.75
C ARG F 27 11.20 20.20 -10.95
N ILE F 28 12.42 20.68 -11.11
CA ILE F 28 12.66 22.10 -11.36
C ILE F 28 11.89 22.55 -12.62
N ALA F 29 12.01 21.78 -13.70
CA ALA F 29 11.34 22.09 -14.97
C ALA F 29 9.81 22.09 -14.85
N PHE F 30 9.28 21.08 -14.17
CA PHE F 30 7.85 20.98 -13.93
C PHE F 30 7.34 22.23 -13.19
N TYR F 31 7.99 22.59 -12.10
CA TYR F 31 7.53 23.72 -11.29
C TYR F 31 7.80 25.10 -11.89
N ARG F 32 8.88 25.23 -12.67
CA ARG F 32 9.12 26.45 -13.44
C ARG F 32 8.06 26.65 -14.52
N ARG F 33 7.79 25.59 -15.27
CA ARG F 33 6.74 25.64 -16.30
C ARG F 33 5.40 26.00 -15.67
N SER F 34 5.09 25.36 -14.53
CA SER F 34 3.85 25.57 -13.80
C SER F 34 3.71 26.99 -13.22
N ASP F 35 4.84 27.55 -12.75
CA ASP F 35 4.90 28.93 -12.28
C ASP F 35 4.74 29.94 -13.41
N ASP F 36 5.38 29.64 -14.54
CA ASP F 36 5.31 30.48 -15.74
C ASP F 36 3.88 30.56 -16.28
N ASN F 37 3.18 29.43 -16.27
CA ASN F 37 1.79 29.36 -16.70
C ASN F 37 0.88 30.19 -15.81
N ARG F 38 1.02 30.02 -14.50
CA ARG F 38 0.20 30.75 -13.53
C ARG F 38 0.47 32.26 -13.52
N LEU F 39 1.72 32.66 -13.74
CA LEU F 39 2.05 34.07 -13.87
C LEU F 39 1.45 34.67 -15.15
N ARG F 40 1.35 33.87 -16.20
CA ARG F 40 0.76 34.32 -17.46
C ARG F 40 -0.75 34.56 -17.36
N ILE F 41 -1.47 33.63 -16.73
CA ILE F 41 -2.91 33.79 -16.52
C ILE F 41 -3.21 35.02 -15.66
N LEU F 42 -2.36 35.28 -14.67
CA LEU F 42 -2.52 36.44 -13.80
C LEU F 42 -2.13 37.72 -14.51
N ARG F 43 -1.16 37.65 -15.43
CA ARG F 43 -0.79 38.78 -16.27
C ARG F 43 -1.98 39.21 -17.12
N ASP F 44 -2.62 38.23 -17.77
CA ASP F 44 -3.83 38.46 -18.57
C ASP F 44 -4.97 39.03 -17.74
N ARG F 45 -5.18 38.43 -16.56
CA ARG F 45 -6.25 38.83 -15.64
C ARG F 45 -6.07 40.26 -15.13
N ILE F 46 -4.81 40.65 -14.92
CA ILE F 46 -4.46 42.03 -14.55
C ILE F 46 -4.64 42.98 -15.74
N GLU F 47 -4.50 42.44 -16.96
CA GLU F 47 -4.56 43.19 -18.22
C GLU F 47 -3.41 44.19 -18.34
N LEU G 10 -14.66 -7.65 -27.73
CA LEU G 10 -13.87 -8.10 -26.53
C LEU G 10 -14.31 -7.34 -25.28
N SER G 11 -14.84 -8.08 -24.31
CA SER G 11 -15.39 -7.47 -23.10
C SER G 11 -14.44 -7.60 -21.90
N PHE G 12 -14.71 -6.83 -20.86
CA PHE G 12 -13.89 -6.86 -19.66
C PHE G 12 -13.95 -8.23 -18.99
N LYS G 13 -15.14 -8.84 -19.00
CA LYS G 13 -15.35 -10.16 -18.41
C LYS G 13 -14.42 -11.21 -19.01
N THR G 14 -14.21 -11.14 -20.32
CA THR G 14 -13.35 -12.07 -21.05
C THR G 14 -11.90 -11.95 -20.58
N VAL G 15 -11.44 -10.71 -20.43
CA VAL G 15 -10.09 -10.41 -19.96
C VAL G 15 -9.92 -10.80 -18.48
N ALA G 16 -10.93 -10.55 -17.66
CA ALA G 16 -10.87 -10.91 -16.23
C ALA G 16 -10.81 -12.43 -16.03
N LEU G 17 -11.61 -13.17 -16.80
CA LEU G 17 -11.60 -14.64 -16.78
C LEU G 17 -10.24 -15.23 -17.17
N LEU G 18 -9.61 -14.66 -18.18
CA LEU G 18 -8.27 -15.06 -18.57
C LEU G 18 -7.26 -14.85 -17.44
N VAL G 19 -7.30 -13.69 -16.81
CA VAL G 19 -6.42 -13.38 -15.68
C VAL G 19 -6.68 -14.36 -14.54
N LEU G 20 -7.97 -14.54 -14.23
CA LEU G 20 -8.38 -15.42 -13.15
C LEU G 20 -7.91 -16.86 -13.39
N ALA G 21 -8.02 -17.31 -14.64
CA ALA G 21 -7.51 -18.62 -15.06
C ALA G 21 -6.02 -18.75 -14.77
N CYS G 22 -5.25 -17.74 -15.19
CA CYS G 22 -3.80 -17.73 -14.94
C CYS G 22 -3.47 -17.76 -13.45
N VAL G 23 -4.17 -16.92 -12.68
CA VAL G 23 -4.02 -16.88 -11.23
C VAL G 23 -4.36 -18.23 -10.59
N ARG G 24 -5.44 -18.86 -11.06
CA ARG G 24 -5.84 -20.16 -10.51
C ARG G 24 -4.80 -21.23 -10.81
N MET G 25 -4.27 -21.19 -12.02
CA MET G 25 -3.27 -22.16 -12.46
C MET G 25 -2.00 -22.08 -11.64
N LYS G 26 -1.54 -20.86 -11.38
CA LYS G 26 -0.38 -20.58 -10.53
C LYS G 26 -0.57 -21.12 -9.11
N ARG G 27 -1.74 -20.85 -8.52
CA ARG G 27 -2.08 -21.35 -7.19
C ARG G 27 -2.26 -22.87 -7.14
N ILE G 28 -2.78 -23.45 -8.22
CA ILE G 28 -2.92 -24.91 -8.29
C ILE G 28 -1.55 -25.60 -8.35
N ALA G 29 -0.64 -25.06 -9.15
CA ALA G 29 0.72 -25.58 -9.25
C ALA G 29 1.42 -25.50 -7.89
N PHE G 30 1.25 -24.36 -7.22
CA PHE G 30 1.88 -24.10 -5.92
C PHE G 30 1.45 -25.06 -4.84
N TYR G 31 0.14 -25.18 -4.62
CA TYR G 31 -0.39 -26.02 -3.55
C TYR G 31 -0.30 -27.51 -3.85
N ARG G 32 -0.17 -27.88 -5.12
CA ARG G 32 0.06 -29.27 -5.51
C ARG G 32 1.45 -29.71 -5.11
N ARG G 33 2.42 -28.81 -5.29
CA ARG G 33 3.83 -29.11 -4.99
C ARG G 33 4.15 -28.91 -3.50
N SER G 34 3.40 -28.04 -2.83
CA SER G 34 3.56 -27.83 -1.40
C SER G 34 3.03 -29.03 -0.61
N ASP G 35 1.92 -29.59 -1.07
CA ASP G 35 1.36 -30.80 -0.48
C ASP G 35 2.20 -32.03 -0.83
N ASP G 36 2.81 -32.02 -2.01
CA ASP G 36 3.74 -33.08 -2.43
C ASP G 36 4.92 -33.22 -1.47
N ASN G 37 5.47 -32.08 -1.04
CA ASN G 37 6.57 -32.05 -0.08
C ASN G 37 6.13 -32.51 1.30
N ARG G 38 4.98 -31.99 1.75
CA ARG G 38 4.42 -32.33 3.06
C ARG G 38 4.13 -33.83 3.22
N LEU G 39 3.65 -34.46 2.15
CA LEU G 39 3.35 -35.89 2.15
C LEU G 39 4.59 -36.75 2.01
N ARG G 40 5.61 -36.20 1.36
CA ARG G 40 6.91 -36.86 1.22
C ARG G 40 7.64 -36.89 2.56
N ILE G 41 7.73 -35.73 3.21
CA ILE G 41 8.41 -35.61 4.51
C ILE G 41 7.66 -36.33 5.64
N LEU G 42 6.38 -36.62 5.41
CA LEU G 42 5.57 -37.41 6.33
C LEU G 42 5.72 -38.91 6.04
N ARG G 43 5.87 -39.24 4.75
CA ARG G 43 6.16 -40.62 4.32
C ARG G 43 7.56 -41.05 4.76
N ASP G 44 8.49 -40.10 4.75
CA ASP G 44 9.87 -40.36 5.16
C ASP G 44 10.01 -40.64 6.66
N ARG G 45 9.16 -39.98 7.46
CA ARG G 45 9.14 -40.23 8.91
C ARG G 45 7.74 -40.63 9.38
N ARG H 9 -12.94 -17.16 24.88
CA ARG H 9 -12.38 -15.99 24.14
C ARG H 9 -13.01 -15.79 22.75
N LEU H 10 -13.18 -14.52 22.38
CA LEU H 10 -13.78 -14.19 21.10
C LEU H 10 -12.69 -13.88 20.09
N SER H 11 -12.62 -14.68 19.03
CA SER H 11 -11.66 -14.44 17.97
C SER H 11 -12.26 -13.46 16.96
N PHE H 12 -11.41 -12.83 16.16
CA PHE H 12 -11.89 -12.03 15.03
C PHE H 12 -12.74 -12.89 14.09
N LYS H 13 -12.26 -14.11 13.79
CA LYS H 13 -12.96 -15.06 12.92
C LYS H 13 -14.44 -15.26 13.29
N THR H 14 -14.73 -15.37 14.59
CA THR H 14 -16.09 -15.56 15.09
C THR H 14 -16.98 -14.37 14.74
N VAL H 15 -16.46 -13.17 14.97
CA VAL H 15 -17.16 -11.93 14.63
C VAL H 15 -17.37 -11.83 13.12
N ALA H 16 -16.34 -12.15 12.34
CA ALA H 16 -16.43 -12.16 10.88
C ALA H 16 -17.50 -13.14 10.39
N LEU H 17 -17.54 -14.32 11.00
CA LEU H 17 -18.53 -15.34 10.62
C LEU H 17 -19.96 -14.88 10.89
N LEU H 18 -20.16 -14.15 11.98
CA LEU H 18 -21.49 -13.59 12.25
C LEU H 18 -21.87 -12.60 11.15
N VAL H 19 -20.93 -11.72 10.81
CA VAL H 19 -21.17 -10.69 9.80
C VAL H 19 -21.46 -11.32 8.41
N LEU H 20 -20.63 -12.27 8.02
CA LEU H 20 -20.78 -13.04 6.81
C LEU H 20 -22.17 -13.71 6.74
N ALA H 21 -22.59 -14.32 7.85
CA ALA H 21 -23.92 -14.94 7.94
C ALA H 21 -25.03 -13.92 7.69
N CYS H 22 -24.92 -12.75 8.32
CA CYS H 22 -25.91 -11.69 8.14
C CYS H 22 -25.96 -11.21 6.68
N VAL H 23 -24.78 -11.00 6.09
CA VAL H 23 -24.69 -10.58 4.68
C VAL H 23 -25.31 -11.62 3.73
N ARG H 24 -24.99 -12.89 3.97
CA ARG H 24 -25.54 -13.97 3.17
C ARG H 24 -27.07 -14.03 3.29
N MET H 25 -27.58 -13.89 4.51
CA MET H 25 -29.01 -13.90 4.71
C MET H 25 -29.71 -12.73 4.02
N LYS H 26 -29.08 -11.56 4.06
CA LYS H 26 -29.63 -10.38 3.39
C LYS H 26 -29.74 -10.62 1.88
N ARG H 27 -28.67 -11.14 1.28
CA ARG H 27 -28.63 -11.46 -0.15
C ARG H 27 -29.63 -12.53 -0.55
N ILE H 28 -29.66 -13.62 0.21
CA ILE H 28 -30.65 -14.69 -0.01
C ILE H 28 -32.09 -14.15 0.01
N ALA H 29 -32.41 -13.34 1.02
CA ALA H 29 -33.74 -12.76 1.15
C ALA H 29 -34.04 -11.83 -0.03
N PHE H 30 -33.05 -11.02 -0.40
CA PHE H 30 -33.18 -10.12 -1.55
C PHE H 30 -33.43 -10.88 -2.86
N TYR H 31 -32.69 -11.96 -3.07
CA TYR H 31 -32.78 -12.71 -4.33
C TYR H 31 -33.97 -13.67 -4.39
N ARG H 32 -34.46 -14.10 -3.23
CA ARG H 32 -35.69 -14.89 -3.15
C ARG H 32 -36.88 -14.06 -3.57
N ARG H 33 -36.88 -12.79 -3.18
CA ARG H 33 -37.89 -11.83 -3.60
C ARG H 33 -37.90 -11.68 -5.12
N SER H 34 -36.71 -11.57 -5.72
CA SER H 34 -36.60 -11.47 -7.17
C SER H 34 -37.12 -12.72 -7.86
N ASP H 35 -36.75 -13.89 -7.36
CA ASP H 35 -37.20 -15.16 -7.90
C ASP H 35 -38.70 -15.40 -7.73
N ASP H 36 -39.25 -14.93 -6.60
CA ASP H 36 -40.69 -15.02 -6.36
C ASP H 36 -41.50 -14.19 -7.35
N ASN H 37 -40.94 -13.05 -7.76
CA ASN H 37 -41.52 -12.25 -8.85
C ASN H 37 -41.62 -13.04 -10.16
N ARG H 38 -40.55 -13.77 -10.50
CA ARG H 38 -40.55 -14.63 -11.69
C ARG H 38 -41.50 -15.80 -11.56
N LEU H 39 -41.59 -16.39 -10.36
CA LEU H 39 -42.49 -17.51 -10.08
C LEU H 39 -43.96 -17.13 -10.26
N ARG H 40 -44.31 -15.92 -9.79
CA ARG H 40 -45.67 -15.38 -9.94
C ARG H 40 -45.99 -15.08 -11.40
N ILE H 41 -45.02 -14.54 -12.14
CA ILE H 41 -45.17 -14.28 -13.58
C ILE H 41 -45.31 -15.60 -14.35
N LEU H 42 -44.55 -16.62 -13.92
CA LEU H 42 -44.60 -17.95 -14.53
C LEU H 42 -45.93 -18.66 -14.29
N ARG H 43 -46.49 -18.53 -13.08
CA ARG H 43 -47.77 -19.13 -12.74
C ARG H 43 -48.95 -18.37 -13.37
N ASP H 44 -48.74 -17.08 -13.63
CA ASP H 44 -49.75 -16.21 -14.22
C ASP H 44 -49.99 -16.49 -15.70
N ARG H 45 -49.00 -17.09 -16.36
CA ARG H 45 -49.07 -17.40 -17.79
C ARG H 45 -50.15 -18.44 -18.10
N ILE H 46 -50.39 -19.35 -17.15
CA ILE H 46 -51.40 -20.40 -17.29
C ILE H 46 -52.81 -19.83 -17.23
N SER H 50 -55.50 -22.04 -17.50
CA SER H 50 -55.75 -22.44 -18.88
C SER H 50 -57.10 -23.17 -19.02
N GLY H 51 -57.39 -24.05 -18.08
CA GLY H 51 -58.66 -24.79 -18.09
C GLY H 51 -59.76 -24.17 -17.24
N ARG H 52 -59.41 -23.13 -16.47
CA ARG H 52 -60.34 -22.45 -15.58
C ARG H 52 -61.35 -21.57 -16.35
N ILE H 53 -62.04 -20.68 -15.63
CA ILE H 53 -63.03 -19.79 -16.24
C ILE H 53 -62.39 -18.56 -16.91
N SER H 54 -61.48 -17.90 -16.18
CA SER H 54 -60.69 -16.75 -16.68
C SER H 54 -61.49 -15.47 -17.00
N TRP H 55 -62.82 -15.57 -17.00
CA TRP H 55 -63.74 -14.43 -17.07
C TRP H 55 -63.50 -13.47 -18.24
#